data_1Z08
#
_entry.id   1Z08
#
_cell.length_a   91.200
_cell.length_b   77.425
_cell.length_c   107.965
_cell.angle_alpha   90.00
_cell.angle_beta   89.86
_cell.angle_gamma   90.00
#
_symmetry.space_group_name_H-M   'C 1 2 1'
#
loop_
_entity.id
_entity.type
_entity.pdbx_description
1 polymer 'Ras-related protein Rab-21'
2 non-polymer 'MAGNESIUM ION'
3 non-polymer 'PHOSPHOAMINOPHOSPHONIC ACID-GUANYLATE ESTER'
4 water water
#
_entity_poly.entity_id   1
_entity_poly.type   'polypeptide(L)'
_entity_poly.pdbx_seq_one_letter_code
;GSRAYSFKVVLLGEGCVGKTSLVLRYCENKFNDKHITTLGASFLTKKLNIGGKRVNLAIWDTAGQERFHALGPIYYRDSN
GAILVYDITDEDSFQKVKNWVKELRKMLGNEICLCIVGNKIDLEKERHVSIQEAESYAESVGAKHYHTSAKQNKGIEELF
LDLCKRMIET
;
_entity_poly.pdbx_strand_id   A,B,C,D
#
loop_
_chem_comp.id
_chem_comp.type
_chem_comp.name
_chem_comp.formula
GNP non-polymer 'PHOSPHOAMINOPHOSPHONIC ACID-GUANYLATE ESTER' 'C10 H17 N6 O13 P3'
MG non-polymer 'MAGNESIUM ION' 'Mg 2'
#
# COMPACT_ATOMS: atom_id res chain seq x y z
N ALA A 4 -32.18 -48.55 -48.71
CA ALA A 4 -30.88 -47.83 -48.88
C ALA A 4 -29.94 -48.03 -47.69
N TYR A 5 -30.47 -47.92 -46.47
CA TYR A 5 -29.66 -48.11 -45.26
C TYR A 5 -30.34 -49.01 -44.23
N SER A 6 -29.54 -49.87 -43.61
CA SER A 6 -30.01 -50.74 -42.53
C SER A 6 -29.00 -50.70 -41.40
N PHE A 7 -29.42 -50.21 -40.24
CA PHE A 7 -28.51 -50.04 -39.10
C PHE A 7 -29.01 -50.75 -37.85
N LYS A 8 -28.06 -51.29 -37.08
CA LYS A 8 -28.35 -51.87 -35.76
C LYS A 8 -27.90 -50.91 -34.67
N VAL A 9 -28.82 -50.59 -33.77
CA VAL A 9 -28.56 -49.67 -32.67
C VAL A 9 -28.91 -50.37 -31.34
N VAL A 10 -28.02 -50.27 -30.36
CA VAL A 10 -28.24 -50.88 -29.06
C VAL A 10 -28.31 -49.81 -27.97
N LEU A 11 -29.28 -49.94 -27.07
CA LEU A 11 -29.37 -49.08 -25.90
C LEU A 11 -28.76 -49.79 -24.69
N LEU A 12 -27.88 -49.09 -24.00
CA LEU A 12 -27.22 -49.63 -22.81
C LEU A 12 -27.34 -48.63 -21.66
N GLY A 13 -27.32 -49.15 -20.44
CA GLY A 13 -27.39 -48.30 -19.24
C GLY A 13 -28.04 -49.00 -18.06
N GLU A 14 -27.86 -48.40 -16.88
CA GLU A 14 -28.38 -48.94 -15.62
C GLU A 14 -29.90 -49.04 -15.56
N GLY A 15 -30.40 -49.76 -14.55
CA GLY A 15 -31.83 -50.06 -14.44
C GLY A 15 -32.80 -48.90 -14.30
N CYS A 16 -32.30 -47.73 -13.88
CA CYS A 16 -33.14 -46.58 -13.59
C CYS A 16 -33.26 -45.57 -14.74
N VAL A 17 -32.48 -45.76 -15.81
CA VAL A 17 -32.16 -44.66 -16.72
C VAL A 17 -33.24 -44.25 -17.74
N GLY A 18 -34.03 -45.22 -18.21
CA GLY A 18 -35.11 -44.94 -19.16
C GLY A 18 -34.88 -45.44 -20.57
N LYS A 19 -34.13 -46.53 -20.71
CA LYS A 19 -33.85 -47.13 -22.03
C LYS A 19 -35.15 -47.49 -22.77
N THR A 20 -36.00 -48.29 -22.11
CA THR A 20 -37.26 -48.71 -22.71
C THR A 20 -38.16 -47.50 -22.97
N SER A 21 -38.19 -46.57 -22.02
CA SER A 21 -38.98 -45.34 -22.17
C SER A 21 -38.59 -44.54 -23.41
N LEU A 22 -37.29 -44.50 -23.72
CA LEU A 22 -36.82 -43.81 -24.93
C LEU A 22 -37.36 -44.49 -26.18
N VAL A 23 -37.25 -45.81 -26.23
CA VAL A 23 -37.69 -46.59 -27.39
C VAL A 23 -39.21 -46.54 -27.54
N LEU A 24 -39.93 -46.76 -26.44
CA LEU A 24 -41.39 -46.73 -26.46
C LEU A 24 -41.94 -45.38 -26.94
N ARG A 25 -41.37 -44.29 -26.42
CA ARG A 25 -41.78 -42.96 -26.85
C ARG A 25 -41.50 -42.75 -28.34
N TYR A 26 -40.33 -43.17 -28.80
CA TYR A 26 -39.93 -43.01 -30.21
C TYR A 26 -40.78 -43.86 -31.16
N CYS A 27 -41.10 -45.08 -30.75
CA CYS A 27 -41.77 -46.05 -31.63
C CYS A 27 -43.30 -46.01 -31.55
N GLU A 28 -43.84 -45.75 -30.36
CA GLU A 28 -45.29 -45.82 -30.14
C GLU A 28 -45.90 -44.53 -29.59
N ASN A 29 -45.05 -43.53 -29.33
CA ASN A 29 -45.45 -42.28 -28.67
C ASN A 29 -46.26 -42.51 -27.38
N LYS A 30 -45.75 -43.41 -26.54
CA LYS A 30 -46.36 -43.68 -25.25
C LYS A 30 -45.30 -43.59 -24.15
N PHE A 31 -45.73 -43.33 -22.92
CA PHE A 31 -44.84 -43.27 -21.76
C PHE A 31 -45.55 -43.77 -20.51
N ASN A 32 -44.79 -44.45 -19.66
CA ASN A 32 -45.25 -44.98 -18.38
C ASN A 32 -44.36 -44.52 -17.24
N ASP A 33 -44.99 -44.03 -16.17
CA ASP A 33 -44.26 -43.71 -14.94
C ASP A 33 -43.80 -44.98 -14.22
N LYS A 34 -44.49 -46.09 -14.50
CA LYS A 34 -44.12 -47.39 -13.95
C LYS A 34 -42.82 -47.89 -14.56
N HIS A 35 -41.97 -48.45 -13.72
CA HIS A 35 -40.75 -49.13 -14.18
C HIS A 35 -41.13 -50.58 -14.55
N ILE A 36 -41.42 -50.79 -15.83
CA ILE A 36 -41.74 -52.13 -16.32
C ILE A 36 -40.44 -52.80 -16.74
N THR A 37 -39.84 -53.49 -15.77
CA THR A 37 -38.50 -54.06 -15.89
C THR A 37 -38.32 -54.92 -17.13
N THR A 38 -37.28 -54.62 -17.89
CA THR A 38 -36.90 -55.41 -19.07
C THR A 38 -36.11 -56.62 -18.60
N LEU A 39 -36.57 -57.80 -18.99
CA LEU A 39 -36.01 -59.06 -18.50
C LEU A 39 -34.94 -59.66 -19.42
N GLY A 40 -34.86 -59.14 -20.65
CA GLY A 40 -33.87 -59.62 -21.62
C GLY A 40 -33.86 -58.75 -22.87
N ALA A 41 -32.90 -59.00 -23.74
CA ALA A 41 -32.72 -58.21 -24.96
C ALA A 41 -33.75 -58.55 -26.05
N SER A 42 -34.17 -57.51 -26.77
CA SER A 42 -35.05 -57.68 -27.94
C SER A 42 -34.96 -56.44 -28.82
N PHE A 43 -35.39 -56.56 -30.07
CA PHE A 43 -35.36 -55.40 -30.98
C PHE A 43 -36.69 -55.10 -31.68
N LEU A 44 -36.87 -53.82 -31.99
CA LEU A 44 -38.00 -53.35 -32.78
C LEU A 44 -37.47 -52.65 -34.03
N THR A 45 -38.30 -52.56 -35.06
CA THR A 45 -37.93 -51.91 -36.31
C THR A 45 -38.56 -50.52 -36.43
N LYS A 46 -37.73 -49.53 -36.72
CA LYS A 46 -38.17 -48.17 -36.98
C LYS A 46 -37.66 -47.70 -38.34
N LYS A 47 -38.55 -47.14 -39.16
CA LYS A 47 -38.18 -46.66 -40.49
C LYS A 47 -38.06 -45.15 -40.54
N LEU A 48 -36.99 -44.66 -41.17
CA LEU A 48 -36.76 -43.22 -41.34
C LEU A 48 -36.48 -42.88 -42.79
N ASN A 49 -36.99 -41.73 -43.22
CA ASN A 49 -36.63 -41.16 -44.51
C ASN A 49 -35.96 -39.82 -44.27
N ILE A 50 -34.66 -39.73 -44.60
CA ILE A 50 -33.88 -38.54 -44.26
C ILE A 50 -33.74 -37.56 -45.43
N GLY A 51 -32.90 -37.90 -46.41
CA GLY A 51 -32.72 -37.04 -47.59
C GLY A 51 -33.20 -37.72 -48.85
N GLY A 52 -34.35 -38.38 -48.75
CA GLY A 52 -34.83 -39.27 -49.80
C GLY A 52 -34.37 -40.69 -49.56
N LYS A 53 -33.37 -40.84 -48.68
CA LYS A 53 -32.77 -42.13 -48.36
C LYS A 53 -33.58 -42.86 -47.29
N ARG A 54 -33.95 -44.10 -47.59
CA ARG A 54 -34.70 -44.94 -46.66
C ARG A 54 -33.74 -45.59 -45.66
N VAL A 55 -33.99 -45.34 -44.37
CA VAL A 55 -33.17 -45.88 -43.29
C VAL A 55 -34.02 -46.81 -42.43
N ASN A 56 -33.59 -48.06 -42.31
CA ASN A 56 -34.26 -49.03 -41.44
C ASN A 56 -33.42 -49.27 -40.19
N LEU A 57 -34.01 -48.99 -39.03
CA LEU A 57 -33.32 -49.16 -37.75
C LEU A 57 -33.78 -50.40 -37.00
N ALA A 58 -32.83 -51.21 -36.58
CA ALA A 58 -33.08 -52.29 -35.64
C ALA A 58 -32.65 -51.79 -34.27
N ILE A 59 -33.65 -51.40 -33.47
CA ILE A 59 -33.38 -50.77 -32.18
C ILE A 59 -33.48 -51.81 -31.07
N TRP A 60 -32.32 -52.15 -30.50
CA TRP A 60 -32.22 -53.16 -29.46
C TRP A 60 -32.31 -52.56 -28.07
N ASP A 61 -33.19 -53.13 -27.25
CA ASP A 61 -33.34 -52.80 -25.83
C ASP A 61 -32.69 -53.91 -25.01
N THR A 62 -32.15 -53.56 -23.84
CA THR A 62 -31.46 -54.53 -22.98
C THR A 62 -31.94 -54.50 -21.53
N ALA A 63 -31.67 -55.57 -20.80
CA ALA A 63 -31.91 -55.61 -19.36
C ALA A 63 -30.78 -54.87 -18.66
N GLY A 64 -31.10 -53.76 -17.99
CA GLY A 64 -30.11 -52.92 -17.35
C GLY A 64 -29.59 -53.44 -16.02
N GLN A 65 -30.31 -54.40 -15.45
CA GLN A 65 -29.94 -55.01 -14.18
C GLN A 65 -29.20 -56.33 -14.41
N PRO A 73 -21.88 -58.32 -24.83
CA PRO A 73 -21.02 -58.68 -25.96
C PRO A 73 -21.81 -59.34 -27.09
N ILE A 74 -22.65 -60.31 -26.72
CA ILE A 74 -23.50 -61.00 -27.69
C ILE A 74 -24.56 -60.06 -28.28
N TYR A 75 -25.02 -59.12 -27.46
CA TYR A 75 -26.05 -58.18 -27.88
C TYR A 75 -25.50 -57.05 -28.76
N TYR A 76 -24.42 -56.41 -28.32
CA TYR A 76 -23.87 -55.27 -29.08
C TYR A 76 -22.90 -55.66 -30.20
N ARG A 77 -22.80 -56.95 -30.50
CA ARG A 77 -22.04 -57.43 -31.64
C ARG A 77 -22.68 -56.94 -32.94
N ASP A 78 -21.85 -56.46 -33.86
CA ASP A 78 -22.29 -55.94 -35.17
C ASP A 78 -23.17 -54.69 -35.10
N SER A 79 -23.14 -54.00 -33.97
CA SER A 79 -23.89 -52.75 -33.82
C SER A 79 -23.21 -51.60 -34.57
N ASN A 80 -24.01 -50.83 -35.30
CA ASN A 80 -23.51 -49.65 -36.02
C ASN A 80 -23.54 -48.42 -35.13
N GLY A 81 -24.41 -48.44 -34.14
CA GLY A 81 -24.53 -47.35 -33.18
C GLY A 81 -24.87 -47.86 -31.79
N ALA A 82 -24.45 -47.11 -30.77
CA ALA A 82 -24.79 -47.45 -29.40
C ALA A 82 -25.25 -46.20 -28.67
N ILE A 83 -26.34 -46.34 -27.92
CA ILE A 83 -26.92 -45.24 -27.16
C ILE A 83 -26.73 -45.56 -25.68
N LEU A 84 -25.77 -44.87 -25.07
CA LEU A 84 -25.45 -45.11 -23.67
C LEU A 84 -26.21 -44.11 -22.82
N VAL A 85 -27.22 -44.61 -22.12
CA VAL A 85 -28.19 -43.77 -21.43
C VAL A 85 -27.86 -43.68 -19.94
N TYR A 86 -27.89 -42.47 -19.41
CA TYR A 86 -27.84 -42.26 -17.97
C TYR A 86 -28.97 -41.35 -17.52
N ASP A 87 -29.17 -41.32 -16.20
CA ASP A 87 -30.20 -40.55 -15.52
C ASP A 87 -29.51 -39.30 -14.96
N ILE A 88 -29.95 -38.11 -15.37
CA ILE A 88 -29.31 -36.86 -14.95
C ILE A 88 -29.40 -36.60 -13.44
N THR A 89 -30.32 -37.30 -12.77
CA THR A 89 -30.50 -37.19 -11.32
C THR A 89 -29.67 -38.23 -10.57
N ASP A 90 -28.99 -39.11 -11.30
CA ASP A 90 -28.26 -40.22 -10.70
C ASP A 90 -26.80 -40.23 -11.17
N GLU A 91 -25.89 -39.80 -10.30
CA GLU A 91 -24.46 -39.74 -10.63
C GLU A 91 -23.86 -41.11 -10.95
N ASP A 92 -24.26 -42.13 -10.20
CA ASP A 92 -23.79 -43.50 -10.42
C ASP A 92 -24.08 -43.99 -11.84
N SER A 93 -25.25 -43.63 -12.35
CA SER A 93 -25.67 -44.04 -13.68
C SER A 93 -24.79 -43.42 -14.77
N PHE A 94 -24.33 -42.19 -14.54
CA PHE A 94 -23.40 -41.56 -15.48
C PHE A 94 -22.02 -42.22 -15.46
N GLN A 95 -21.47 -42.42 -14.27
CA GLN A 95 -20.14 -42.99 -14.15
C GLN A 95 -20.06 -44.40 -14.73
N LYS A 96 -21.19 -45.12 -14.71
CA LYS A 96 -21.30 -46.46 -15.29
C LYS A 96 -21.16 -46.50 -16.82
N VAL A 97 -21.51 -45.39 -17.48
CA VAL A 97 -21.39 -45.24 -18.93
C VAL A 97 -19.96 -45.48 -19.43
N LYS A 98 -18.98 -45.06 -18.61
CA LYS A 98 -17.56 -45.17 -18.96
C LYS A 98 -17.08 -46.62 -19.20
N ASN A 99 -17.62 -47.55 -18.42
CA ASN A 99 -17.32 -48.98 -18.58
C ASN A 99 -17.80 -49.49 -19.94
N TRP A 100 -19.01 -49.09 -20.33
CA TRP A 100 -19.57 -49.46 -21.63
C TRP A 100 -18.74 -48.94 -22.79
N VAL A 101 -18.29 -47.70 -22.71
CA VAL A 101 -17.46 -47.09 -23.75
C VAL A 101 -16.18 -47.91 -23.97
N LYS A 102 -15.53 -48.26 -22.86
CA LYS A 102 -14.29 -49.06 -22.89
C LYS A 102 -14.49 -50.40 -23.57
N GLU A 103 -15.58 -51.09 -23.22
CA GLU A 103 -15.90 -52.40 -23.80
C GLU A 103 -16.25 -52.33 -25.29
N LEU A 104 -17.01 -51.29 -25.66
CA LEU A 104 -17.43 -51.10 -27.05
C LEU A 104 -16.26 -50.73 -27.97
N ARG A 105 -15.37 -49.86 -27.50
CA ARG A 105 -14.21 -49.43 -28.28
C ARG A 105 -13.19 -50.56 -28.44
N LYS A 106 -13.09 -51.43 -27.44
CA LYS A 106 -12.21 -52.60 -27.52
C LYS A 106 -12.72 -53.62 -28.54
N MET A 107 -14.04 -53.75 -28.64
CA MET A 107 -14.66 -54.74 -29.51
C MET A 107 -14.87 -54.26 -30.95
N LEU A 108 -15.19 -52.97 -31.11
CA LEU A 108 -15.62 -52.44 -32.40
C LEU A 108 -14.79 -51.26 -32.92
N GLY A 109 -14.00 -50.65 -32.03
CA GLY A 109 -13.16 -49.50 -32.40
C GLY A 109 -13.96 -48.24 -32.64
N ASN A 110 -13.42 -47.36 -33.49
CA ASN A 110 -14.04 -46.08 -33.80
C ASN A 110 -15.19 -46.20 -34.82
N GLU A 111 -15.41 -47.42 -35.31
CA GLU A 111 -16.43 -47.69 -36.32
C GLU A 111 -17.85 -47.43 -35.81
N ILE A 112 -18.10 -47.83 -34.56
CA ILE A 112 -19.42 -47.65 -33.95
C ILE A 112 -19.65 -46.20 -33.55
N CYS A 113 -20.80 -45.66 -33.95
CA CYS A 113 -21.21 -44.32 -33.56
C CYS A 113 -21.77 -44.35 -32.15
N LEU A 114 -21.08 -43.68 -31.24
CA LEU A 114 -21.48 -43.67 -29.83
C LEU A 114 -22.30 -42.43 -29.48
N CYS A 115 -23.35 -42.65 -28.70
CA CYS A 115 -24.16 -41.56 -28.13
C CYS A 115 -24.15 -41.68 -26.62
N ILE A 116 -23.83 -40.58 -25.94
CA ILE A 116 -23.96 -40.52 -24.49
C ILE A 116 -25.16 -39.63 -24.19
N VAL A 117 -26.17 -40.21 -23.55
CA VAL A 117 -27.49 -39.57 -23.46
C VAL A 117 -27.91 -39.33 -22.02
N GLY A 118 -28.02 -38.06 -21.66
CA GLY A 118 -28.53 -37.64 -20.36
C GLY A 118 -30.03 -37.53 -20.41
N ASN A 119 -30.70 -38.55 -19.89
CA ASN A 119 -32.16 -38.63 -19.90
C ASN A 119 -32.78 -38.06 -18.63
N LYS A 120 -34.07 -37.75 -18.72
CA LYS A 120 -34.87 -37.19 -17.61
C LYS A 120 -34.60 -35.71 -17.38
N ILE A 121 -34.37 -34.96 -18.46
CA ILE A 121 -34.10 -33.51 -18.33
C ILE A 121 -35.30 -32.72 -17.80
N ASP A 122 -36.47 -33.35 -17.78
CA ASP A 122 -37.66 -32.78 -17.14
C ASP A 122 -37.47 -32.70 -15.61
N LEU A 123 -36.49 -33.45 -15.10
CA LEU A 123 -36.13 -33.45 -13.69
C LEU A 123 -34.87 -32.61 -13.43
N GLU A 124 -34.72 -31.53 -14.18
CA GLU A 124 -33.57 -30.63 -14.08
C GLU A 124 -33.34 -30.09 -12.65
N LYS A 125 -34.43 -29.82 -11.93
CA LYS A 125 -34.37 -29.37 -10.54
C LYS A 125 -33.64 -30.38 -9.63
N GLU A 126 -33.64 -31.65 -10.05
CA GLU A 126 -33.02 -32.72 -9.28
C GLU A 126 -31.71 -33.22 -9.91
N ARG A 127 -31.16 -32.44 -10.85
CA ARG A 127 -29.92 -32.82 -11.52
C ARG A 127 -28.76 -33.04 -10.54
N HIS A 128 -28.05 -34.14 -10.71
CA HIS A 128 -26.85 -34.43 -9.93
C HIS A 128 -25.62 -34.73 -10.80
N VAL A 129 -25.85 -34.89 -12.10
CA VAL A 129 -24.75 -35.09 -13.04
C VAL A 129 -24.32 -33.75 -13.63
N SER A 130 -23.00 -33.54 -13.71
CA SER A 130 -22.44 -32.34 -14.32
C SER A 130 -22.58 -32.41 -15.85
N ILE A 131 -23.31 -31.45 -16.42
CA ILE A 131 -23.43 -31.36 -17.89
C ILE A 131 -22.05 -31.20 -18.51
N GLN A 132 -21.23 -30.34 -17.91
CA GLN A 132 -19.90 -30.06 -18.43
C GLN A 132 -18.99 -31.29 -18.42
N GLU A 133 -19.04 -32.05 -17.33
CA GLU A 133 -18.28 -33.30 -17.23
C GLU A 133 -18.75 -34.32 -18.28
N ALA A 134 -20.07 -34.47 -18.41
CA ALA A 134 -20.66 -35.42 -19.36
C ALA A 134 -20.30 -35.10 -20.80
N GLU A 135 -20.44 -33.82 -21.17
CA GLU A 135 -20.13 -33.36 -22.52
C GLU A 135 -18.65 -33.49 -22.82
N SER A 136 -17.82 -33.06 -21.87
CA SER A 136 -16.37 -33.18 -21.96
C SER A 136 -15.96 -34.64 -22.15
N TYR A 137 -16.51 -35.53 -21.33
CA TYR A 137 -16.22 -36.95 -21.46
C TYR A 137 -16.61 -37.47 -22.83
N ALA A 138 -17.82 -37.15 -23.26
CA ALA A 138 -18.31 -37.55 -24.58
C ALA A 138 -17.34 -37.15 -25.69
N GLU A 139 -16.92 -35.88 -25.70
CA GLU A 139 -15.96 -35.40 -26.70
C GLU A 139 -14.63 -36.16 -26.63
N SER A 140 -14.16 -36.45 -25.41
CA SER A 140 -12.88 -37.15 -25.22
C SER A 140 -12.86 -38.57 -25.80
N VAL A 141 -14.02 -39.21 -25.91
CA VAL A 141 -14.11 -40.58 -26.44
C VAL A 141 -14.71 -40.65 -27.84
N GLY A 142 -14.83 -39.49 -28.49
CA GLY A 142 -15.35 -39.42 -29.85
C GLY A 142 -16.84 -39.70 -29.97
N ALA A 143 -17.55 -39.55 -28.86
CA ALA A 143 -19.00 -39.68 -28.85
C ALA A 143 -19.65 -38.32 -28.95
N LYS A 144 -20.95 -38.29 -29.24
CA LYS A 144 -21.72 -37.06 -29.13
C LYS A 144 -22.61 -37.19 -27.91
N HIS A 145 -22.83 -36.06 -27.24
CA HIS A 145 -23.71 -36.02 -26.08
C HIS A 145 -25.08 -35.45 -26.45
N TYR A 146 -26.13 -36.01 -25.86
CA TYR A 146 -27.50 -35.61 -26.14
C TYR A 146 -28.30 -35.52 -24.84
N HIS A 147 -29.22 -34.55 -24.79
CA HIS A 147 -30.15 -34.42 -23.66
C HIS A 147 -31.54 -34.88 -24.10
N THR A 148 -32.17 -35.74 -23.29
CA THR A 148 -33.53 -36.22 -23.60
C THR A 148 -34.46 -36.22 -22.41
N SER A 149 -35.76 -36.19 -22.70
CA SER A 149 -36.81 -36.55 -21.75
C SER A 149 -37.82 -37.42 -22.47
N ALA A 150 -37.86 -38.70 -22.10
CA ALA A 150 -38.86 -39.63 -22.61
C ALA A 150 -40.26 -39.22 -22.13
N LYS A 151 -40.33 -38.68 -20.91
CA LYS A 151 -41.61 -38.26 -20.31
C LYS A 151 -42.26 -37.10 -21.06
N GLN A 152 -41.44 -36.11 -21.44
CA GLN A 152 -41.95 -34.92 -22.15
C GLN A 152 -41.73 -34.98 -23.67
N ASN A 153 -41.20 -36.10 -24.16
CA ASN A 153 -40.83 -36.27 -25.57
C ASN A 153 -39.95 -35.12 -26.09
N LYS A 154 -38.80 -34.94 -25.43
CA LYS A 154 -37.84 -33.91 -25.81
C LYS A 154 -36.51 -34.53 -26.23
N GLY A 155 -36.01 -34.12 -27.39
CA GLY A 155 -34.68 -34.54 -27.86
C GLY A 155 -34.56 -35.93 -28.47
N ILE A 156 -35.65 -36.71 -28.45
CA ILE A 156 -35.60 -38.10 -28.92
C ILE A 156 -35.58 -38.21 -30.45
N GLU A 157 -36.43 -37.45 -31.10
CA GLU A 157 -36.44 -37.37 -32.56
C GLU A 157 -35.06 -36.94 -33.06
N GLU A 158 -34.53 -35.91 -32.41
CA GLU A 158 -33.22 -35.35 -32.72
C GLU A 158 -32.07 -36.36 -32.51
N LEU A 159 -32.15 -37.12 -31.42
CA LEU A 159 -31.15 -38.15 -31.11
C LEU A 159 -31.05 -39.21 -32.20
N PHE A 160 -32.17 -39.82 -32.55
CA PHE A 160 -32.19 -40.89 -33.55
C PHE A 160 -31.87 -40.37 -34.95
N LEU A 161 -32.37 -39.19 -35.27
CA LEU A 161 -32.07 -38.55 -36.57
C LEU A 161 -30.57 -38.29 -36.72
N ASP A 162 -29.96 -37.71 -35.68
CA ASP A 162 -28.54 -37.40 -35.70
C ASP A 162 -27.69 -38.65 -35.75
N LEU A 163 -28.07 -39.68 -34.97
CA LEU A 163 -27.35 -40.95 -34.97
C LEU A 163 -27.36 -41.58 -36.36
N CYS A 164 -28.52 -41.54 -37.03
CA CYS A 164 -28.67 -42.04 -38.39
C CYS A 164 -27.77 -41.29 -39.38
N LYS A 165 -27.74 -39.96 -39.27
CA LYS A 165 -26.88 -39.12 -40.11
C LYS A 165 -25.42 -39.50 -39.94
N ARG A 166 -25.00 -39.69 -38.69
CA ARG A 166 -23.61 -40.05 -38.38
C ARG A 166 -23.26 -41.47 -38.86
N MET A 167 -24.23 -42.39 -38.78
CA MET A 167 -24.02 -43.76 -39.28
C MET A 167 -23.96 -43.83 -40.81
N ILE A 168 -24.71 -42.95 -41.48
CA ILE A 168 -24.65 -42.83 -42.93
C ILE A 168 -23.30 -42.28 -43.36
N GLU A 169 -22.76 -41.35 -42.57
CA GLU A 169 -21.49 -40.69 -42.87
C GLU A 169 -20.25 -41.54 -42.53
N THR A 170 -20.46 -42.66 -41.84
CA THR A 170 -19.38 -43.57 -41.47
C THR A 170 -18.83 -44.29 -42.70
N ALA B 4 -20.38 -1.85 -2.51
CA ALA B 4 -20.26 -1.25 -1.15
C ALA B 4 -18.90 -1.54 -0.52
N TYR B 5 -18.42 -0.60 0.30
CA TYR B 5 -17.29 -0.86 1.18
C TYR B 5 -17.76 -1.82 2.27
N SER B 6 -16.86 -2.67 2.76
CA SER B 6 -17.20 -3.67 3.78
C SER B 6 -16.18 -3.65 4.92
N PHE B 7 -16.66 -3.33 6.12
CA PHE B 7 -15.78 -3.25 7.29
C PHE B 7 -16.35 -3.99 8.49
N LYS B 8 -15.46 -4.59 9.26
CA LYS B 8 -15.78 -5.17 10.55
C LYS B 8 -15.28 -4.22 11.64
N VAL B 9 -16.17 -3.92 12.58
CA VAL B 9 -15.89 -3.00 13.68
C VAL B 9 -16.22 -3.69 15.00
N VAL B 10 -15.30 -3.60 15.95
CA VAL B 10 -15.49 -4.23 17.25
C VAL B 10 -15.54 -3.19 18.37
N LEU B 11 -16.49 -3.37 19.28
CA LEU B 11 -16.56 -2.52 20.48
C LEU B 11 -15.93 -3.25 21.66
N LEU B 12 -15.07 -2.52 22.38
CA LEU B 12 -14.34 -3.07 23.51
C LEU B 12 -14.36 -2.09 24.69
N GLY B 13 -14.33 -2.63 25.91
CA GLY B 13 -14.33 -1.80 27.11
C GLY B 13 -15.00 -2.46 28.31
N GLU B 14 -14.86 -1.83 29.47
CA GLU B 14 -15.35 -2.37 30.74
C GLU B 14 -16.88 -2.47 30.80
N GLY B 15 -17.37 -3.19 31.81
CA GLY B 15 -18.79 -3.51 31.93
C GLY B 15 -19.76 -2.36 32.12
N CYS B 16 -19.25 -1.21 32.58
CA CYS B 16 -20.10 -0.07 32.89
C CYS B 16 -20.23 0.95 31.76
N VAL B 17 -19.43 0.78 30.70
CA VAL B 17 -19.10 1.88 29.79
C VAL B 17 -20.16 2.27 28.76
N GLY B 18 -20.98 1.30 28.32
CA GLY B 18 -22.04 1.57 27.35
C GLY B 18 -21.80 1.10 25.92
N LYS B 19 -21.05 0.01 25.76
CA LYS B 19 -20.81 -0.59 24.45
C LYS B 19 -22.12 -0.93 23.73
N THR B 20 -22.95 -1.74 24.40
CA THR B 20 -24.24 -2.13 23.84
C THR B 20 -25.13 -0.92 23.57
N SER B 21 -25.14 0.03 24.49
CA SER B 21 -25.95 1.25 24.37
C SER B 21 -25.59 2.06 23.13
N LEU B 22 -24.29 2.14 22.81
CA LEU B 22 -23.85 2.83 21.59
C LEU B 22 -24.42 2.15 20.34
N VAL B 23 -24.31 0.82 20.31
CA VAL B 23 -24.76 0.02 19.15
C VAL B 23 -26.28 0.05 19.00
N LEU B 24 -26.99 -0.14 20.11
CA LEU B 24 -28.46 -0.12 20.12
C LEU B 24 -29.04 1.24 19.69
N ARG B 25 -28.41 2.33 20.14
CA ARG B 25 -28.83 3.65 19.72
C ARG B 25 -28.57 3.84 18.22
N TYR B 26 -27.40 3.43 17.77
CA TYR B 26 -27.01 3.62 16.36
C TYR B 26 -27.91 2.82 15.41
N CYS B 27 -28.19 1.58 15.77
CA CYS B 27 -28.91 0.65 14.89
C CYS B 27 -30.44 0.73 15.02
N GLU B 28 -30.93 0.94 16.23
CA GLU B 28 -32.38 0.87 16.50
C GLU B 28 -32.99 2.16 17.06
N ASN B 29 -32.14 3.15 17.32
CA ASN B 29 -32.55 4.40 17.98
C ASN B 29 -33.31 4.16 19.30
N LYS B 30 -32.78 3.22 20.10
CA LYS B 30 -33.35 2.90 21.40
C LYS B 30 -32.28 2.97 22.48
N PHE B 31 -32.71 3.23 23.70
CA PHE B 31 -31.84 3.28 24.87
C PHE B 31 -32.55 2.76 26.11
N ASN B 32 -31.78 2.06 26.95
CA ASN B 32 -32.25 1.54 28.23
C ASN B 32 -31.37 2.00 29.38
N ASP B 33 -31.98 2.52 30.44
CA ASP B 33 -31.24 2.84 31.67
C ASP B 33 -30.79 1.56 32.37
N LYS B 34 -31.51 0.46 32.14
CA LYS B 34 -31.14 -0.84 32.69
C LYS B 34 -29.84 -1.34 32.08
N HIS B 35 -28.97 -1.87 32.93
CA HIS B 35 -27.78 -2.57 32.47
C HIS B 35 -28.16 -4.01 32.14
N ILE B 36 -28.34 -4.28 30.84
CA ILE B 36 -28.67 -5.61 30.35
C ILE B 36 -27.37 -6.24 29.87
N THR B 37 -26.71 -6.92 30.81
CA THR B 37 -25.36 -7.45 30.62
C THR B 37 -25.22 -8.34 29.39
N THR B 38 -24.18 -8.06 28.60
CA THR B 38 -23.86 -8.86 27.43
C THR B 38 -23.05 -10.08 27.86
N LEU B 39 -23.52 -11.25 27.46
CA LEU B 39 -22.97 -12.52 27.95
C LEU B 39 -22.02 -13.18 26.96
N GLY B 40 -21.92 -12.62 25.76
CA GLY B 40 -21.02 -13.13 24.73
C GLY B 40 -21.01 -12.22 23.50
N ALA B 41 -20.03 -12.43 22.64
CA ALA B 41 -19.86 -11.62 21.43
C ALA B 41 -20.89 -11.97 20.34
N SER B 42 -21.38 -10.94 19.65
CA SER B 42 -22.30 -11.10 18.52
C SER B 42 -22.24 -9.86 17.63
N PHE B 43 -22.72 -9.98 16.40
CA PHE B 43 -22.68 -8.83 15.49
C PHE B 43 -24.01 -8.51 14.81
N LEU B 44 -24.15 -7.23 14.44
CA LEU B 44 -25.30 -6.71 13.71
C LEU B 44 -24.82 -6.03 12.44
N THR B 45 -25.71 -5.94 11.45
CA THR B 45 -25.39 -5.26 10.20
C THR B 45 -25.97 -3.86 10.18
N LYS B 46 -25.13 -2.90 9.77
CA LYS B 46 -25.54 -1.53 9.59
C LYS B 46 -25.00 -1.01 8.27
N LYS B 47 -25.89 -0.51 7.43
CA LYS B 47 -25.49 -0.01 6.11
C LYS B 47 -25.66 1.50 6.01
N LEU B 48 -24.60 2.17 5.55
CA LEU B 48 -24.58 3.62 5.39
C LEU B 48 -24.41 4.01 3.94
N ASN B 49 -24.72 5.27 3.64
CA ASN B 49 -24.36 5.87 2.36
C ASN B 49 -23.63 7.19 2.63
N ILE B 50 -22.34 7.21 2.33
CA ILE B 50 -21.52 8.41 2.49
C ILE B 50 -21.32 9.04 1.11
N GLY B 51 -22.06 10.11 0.86
CA GLY B 51 -22.09 10.73 -0.46
C GLY B 51 -22.79 9.82 -1.44
N GLY B 52 -22.00 9.10 -2.23
CA GLY B 52 -22.53 8.07 -3.12
C GLY B 52 -21.98 6.70 -2.79
N LYS B 53 -21.01 6.67 -1.86
CA LYS B 53 -20.36 5.44 -1.45
C LYS B 53 -21.17 4.71 -0.40
N ARG B 54 -21.57 3.48 -0.72
CA ARG B 54 -22.28 2.62 0.23
C ARG B 54 -21.27 1.89 1.11
N VAL B 55 -21.61 1.74 2.39
CA VAL B 55 -20.74 1.07 3.35
C VAL B 55 -21.54 0.03 4.13
N ASN B 56 -21.03 -1.21 4.16
CA ASN B 56 -21.62 -2.29 4.96
C ASN B 56 -20.78 -2.53 6.21
N LEU B 57 -21.36 -2.28 7.38
CA LEU B 57 -20.67 -2.53 8.65
C LEU B 57 -21.16 -3.80 9.32
N ALA B 58 -20.21 -4.59 9.80
CA ALA B 58 -20.49 -5.67 10.73
C ALA B 58 -20.01 -5.18 12.09
N ILE B 59 -20.97 -4.83 12.95
CA ILE B 59 -20.65 -4.22 14.24
C ILE B 59 -20.72 -5.26 15.33
N TRP B 60 -19.56 -5.59 15.89
CA TRP B 60 -19.41 -6.61 16.91
C TRP B 60 -19.45 -6.03 18.30
N ASP B 61 -20.38 -6.56 19.11
CA ASP B 61 -20.49 -6.22 20.52
C ASP B 61 -19.83 -7.34 21.33
N THR B 62 -19.25 -6.99 22.47
CA THR B 62 -18.50 -7.95 23.28
C THR B 62 -18.96 -7.93 24.75
N ALA B 63 -18.61 -8.98 25.48
CA ALA B 63 -18.86 -9.05 26.92
C ALA B 63 -17.76 -8.29 27.66
N GLY B 64 -18.15 -7.28 28.45
CA GLY B 64 -17.20 -6.40 29.13
C GLY B 64 -16.45 -7.04 30.29
N GLN B 65 -16.99 -8.11 30.83
CA GLN B 65 -16.38 -8.84 31.95
C GLN B 65 -15.04 -9.46 31.57
N TYR B 75 -11.85 -12.69 17.38
CA TYR B 75 -12.93 -11.71 17.59
C TYR B 75 -12.58 -10.31 17.09
N TYR B 76 -11.29 -9.96 17.19
CA TYR B 76 -10.81 -8.66 16.74
C TYR B 76 -9.68 -8.79 15.71
N ARG B 77 -9.28 -10.04 15.44
CA ARG B 77 -8.17 -10.33 14.54
C ARG B 77 -8.36 -9.81 13.11
N ASP B 78 -9.61 -9.86 12.65
CA ASP B 78 -9.96 -9.41 11.29
C ASP B 78 -10.71 -8.08 11.26
N SER B 79 -10.76 -7.40 12.41
CA SER B 79 -11.43 -6.10 12.52
C SER B 79 -10.65 -5.01 11.79
N ASN B 80 -11.38 -4.17 11.05
CA ASN B 80 -10.79 -3.03 10.36
C ASN B 80 -10.85 -1.75 11.21
N GLY B 81 -11.72 -1.78 12.22
CA GLY B 81 -11.85 -0.68 13.15
C GLY B 81 -12.19 -1.18 14.54
N ALA B 82 -11.75 -0.44 15.56
CA ALA B 82 -12.06 -0.77 16.93
C ALA B 82 -12.51 0.47 17.69
N ILE B 83 -13.61 0.31 18.43
CA ILE B 83 -14.18 1.38 19.24
C ILE B 83 -13.93 1.02 20.71
N LEU B 84 -13.01 1.76 21.32
CA LEU B 84 -12.60 1.49 22.70
C LEU B 84 -13.33 2.49 23.59
N VAL B 85 -14.32 1.99 24.32
CA VAL B 85 -15.26 2.83 25.05
C VAL B 85 -14.89 2.89 26.52
N TYR B 86 -14.91 4.10 27.07
CA TYR B 86 -14.82 4.29 28.51
C TYR B 86 -15.95 5.18 29.00
N ASP B 87 -16.16 5.15 30.30
CA ASP B 87 -17.18 5.93 30.99
C ASP B 87 -16.50 7.16 31.58
N ILE B 88 -16.93 8.36 31.18
CA ILE B 88 -16.26 9.60 31.61
C ILE B 88 -16.32 9.83 33.12
N THR B 89 -17.24 9.14 33.79
CA THR B 89 -17.41 9.23 35.23
C THR B 89 -16.57 8.20 35.97
N ASP B 90 -15.96 7.28 35.23
CA ASP B 90 -15.21 6.18 35.82
C ASP B 90 -13.76 6.15 35.34
N GLU B 91 -12.84 6.56 36.21
CA GLU B 91 -11.41 6.63 35.89
C GLU B 91 -10.81 5.28 35.51
N ASP B 92 -11.21 4.21 36.21
CA ASP B 92 -10.69 2.87 35.95
C ASP B 92 -11.03 2.38 34.55
N SER B 93 -12.23 2.76 34.07
CA SER B 93 -12.67 2.41 32.72
C SER B 93 -11.77 3.04 31.65
N PHE B 94 -11.27 4.25 31.93
CA PHE B 94 -10.33 4.90 31.01
C PHE B 94 -8.97 4.19 30.99
N GLN B 95 -8.50 3.78 32.16
CA GLN B 95 -7.21 3.08 32.25
C GLN B 95 -7.22 1.73 31.55
N LYS B 96 -8.36 1.05 31.62
CA LYS B 96 -8.54 -0.25 30.94
C LYS B 96 -8.47 -0.14 29.42
N VAL B 97 -8.86 1.03 28.89
CA VAL B 97 -8.75 1.33 27.46
C VAL B 97 -7.29 1.20 26.97
N LYS B 98 -6.35 1.64 27.80
CA LYS B 98 -4.92 1.58 27.49
C LYS B 98 -4.42 0.15 27.29
N ASN B 99 -4.96 -0.78 28.07
CA ASN B 99 -4.65 -2.20 27.93
C ASN B 99 -5.11 -2.75 26.58
N TRP B 100 -6.29 -2.32 26.14
CA TRP B 100 -6.82 -2.72 24.83
C TRP B 100 -5.96 -2.18 23.68
N VAL B 101 -5.53 -0.93 23.79
CA VAL B 101 -4.66 -0.31 22.78
C VAL B 101 -3.36 -1.11 22.63
N LYS B 102 -2.73 -1.42 23.77
CA LYS B 102 -1.49 -2.18 23.81
C LYS B 102 -1.62 -3.53 23.09
N GLU B 103 -2.70 -4.25 23.40
CA GLU B 103 -2.96 -5.56 22.80
C GLU B 103 -3.18 -5.48 21.27
N LEU B 104 -3.97 -4.50 20.84
CA LEU B 104 -4.30 -4.33 19.42
C LEU B 104 -3.12 -3.83 18.57
N ARG B 105 -2.37 -2.88 19.10
CA ARG B 105 -1.22 -2.31 18.40
C ARG B 105 -0.08 -3.32 18.21
N LYS B 106 0.10 -4.19 19.20
CA LYS B 106 1.11 -5.24 19.14
C LYS B 106 0.77 -6.27 18.06
N MET B 107 -0.51 -6.61 17.97
CA MET B 107 -0.98 -7.67 17.08
C MET B 107 -1.21 -7.21 15.65
N LEU B 108 -1.80 -6.02 15.49
CA LEU B 108 -2.23 -5.53 14.18
C LEU B 108 -1.43 -4.34 13.66
N GLY B 109 -0.76 -3.63 14.56
CA GLY B 109 0.02 -2.45 14.19
C GLY B 109 -0.87 -1.24 13.92
N ASN B 110 -0.46 -0.42 12.96
CA ASN B 110 -1.19 0.80 12.61
C ASN B 110 -2.32 0.56 11.62
N GLU B 111 -2.55 -0.71 11.27
CA GLU B 111 -3.57 -1.07 10.28
C GLU B 111 -4.99 -0.76 10.74
N ILE B 112 -5.31 -1.17 11.97
CA ILE B 112 -6.66 -0.99 12.52
C ILE B 112 -6.93 0.46 12.91
N CYS B 113 -8.09 0.97 12.50
CA CYS B 113 -8.52 2.31 12.85
C CYS B 113 -9.08 2.32 14.27
N LEU B 114 -8.40 3.01 15.18
CA LEU B 114 -8.80 3.03 16.58
C LEU B 114 -9.59 4.27 16.94
N CYS B 115 -10.66 4.05 17.70
CA CYS B 115 -11.43 5.14 18.30
C CYS B 115 -11.39 5.00 19.80
N ILE B 116 -11.04 6.07 20.49
CA ILE B 116 -11.15 6.12 21.95
C ILE B 116 -12.34 7.01 22.27
N VAL B 117 -13.33 6.41 22.94
CA VAL B 117 -14.64 7.06 23.06
C VAL B 117 -15.03 7.29 24.53
N GLY B 118 -15.14 8.56 24.89
CA GLY B 118 -15.62 8.97 26.20
C GLY B 118 -17.13 9.07 26.19
N ASN B 119 -17.79 8.03 26.67
CA ASN B 119 -19.24 7.96 26.68
C ASN B 119 -19.84 8.50 27.98
N LYS B 120 -21.14 8.82 27.94
CA LYS B 120 -21.90 9.35 29.07
C LYS B 120 -21.64 10.83 29.34
N ILE B 121 -21.44 11.61 28.26
CA ILE B 121 -21.20 13.05 28.41
C ILE B 121 -22.40 13.81 29.00
N ASP B 122 -23.57 13.17 29.00
CA ASP B 122 -24.74 13.73 29.67
C ASP B 122 -24.55 13.82 31.20
N LEU B 123 -23.60 13.03 31.71
CA LEU B 123 -23.25 13.03 33.12
C LEU B 123 -22.01 13.88 33.42
N GLU B 124 -21.90 14.99 32.69
CA GLU B 124 -20.74 15.87 32.75
C GLU B 124 -20.38 16.35 34.17
N LYS B 125 -21.40 16.60 35.00
CA LYS B 125 -21.14 17.03 36.38
C LYS B 125 -20.44 15.94 37.21
N GLU B 126 -20.53 14.70 36.76
CA GLU B 126 -19.89 13.56 37.42
C GLU B 126 -18.58 13.15 36.74
N ARG B 127 -18.09 13.98 35.81
CA ARG B 127 -16.87 13.65 35.08
C ARG B 127 -15.68 13.44 36.01
N HIS B 128 -14.93 12.36 35.78
CA HIS B 128 -13.71 12.07 36.53
C HIS B 128 -12.49 11.86 35.63
N VAL B 129 -12.73 11.76 34.32
CA VAL B 129 -11.65 11.62 33.35
C VAL B 129 -11.38 12.95 32.66
N SER B 130 -10.10 13.34 32.60
CA SER B 130 -9.69 14.56 31.91
C SER B 130 -9.81 14.44 30.39
N ILE B 131 -10.58 15.34 29.77
CA ILE B 131 -10.68 15.40 28.31
C ILE B 131 -9.29 15.60 27.69
N GLN B 132 -8.51 16.51 28.28
CA GLN B 132 -7.18 16.81 27.77
C GLN B 132 -6.27 15.58 27.81
N GLU B 133 -6.32 14.83 28.92
CA GLU B 133 -5.53 13.60 29.07
C GLU B 133 -5.94 12.56 28.06
N ALA B 134 -7.25 12.33 27.95
CA ALA B 134 -7.80 11.32 27.04
C ALA B 134 -7.47 11.62 25.57
N GLU B 135 -7.62 12.87 25.18
CA GLU B 135 -7.32 13.30 23.81
C GLU B 135 -5.83 13.23 23.52
N SER B 136 -5.02 13.62 24.51
CA SER B 136 -3.56 13.52 24.42
C SER B 136 -3.12 12.06 24.25
N TYR B 137 -3.67 11.19 25.09
CA TYR B 137 -3.37 9.76 24.98
C TYR B 137 -3.73 9.19 23.61
N ALA B 138 -4.93 9.51 23.13
CA ALA B 138 -5.40 9.06 21.82
C ALA B 138 -4.43 9.46 20.70
N GLU B 139 -4.01 10.73 20.70
CA GLU B 139 -3.06 11.22 19.70
C GLU B 139 -1.73 10.46 19.78
N SER B 140 -1.28 10.17 20.99
CA SER B 140 -0.01 9.49 21.23
C SER B 140 0.02 8.05 20.70
N VAL B 141 -1.16 7.45 20.53
CA VAL B 141 -1.26 6.08 20.04
C VAL B 141 -1.84 5.98 18.63
N GLY B 142 -1.98 7.12 17.97
CA GLY B 142 -2.50 7.19 16.61
C GLY B 142 -4.00 6.95 16.50
N ALA B 143 -4.70 7.08 17.62
CA ALA B 143 -6.16 6.95 17.64
C ALA B 143 -6.81 8.32 17.55
N LYS B 144 -8.11 8.34 17.25
CA LYS B 144 -8.89 9.56 17.35
C LYS B 144 -9.82 9.44 18.55
N HIS B 145 -10.03 10.56 19.25
CA HIS B 145 -10.92 10.61 20.40
C HIS B 145 -12.29 11.19 20.03
N TYR B 146 -13.33 10.67 20.66
CA TYR B 146 -14.71 11.07 20.40
C TYR B 146 -15.51 11.19 21.69
N HIS B 147 -16.42 12.16 21.73
CA HIS B 147 -17.36 12.32 22.85
C HIS B 147 -18.73 11.78 22.44
N THR B 148 -19.33 10.94 23.28
CA THR B 148 -20.68 10.42 23.01
C THR B 148 -21.62 10.42 24.22
N SER B 149 -22.92 10.46 23.94
CA SER B 149 -23.95 10.08 24.90
C SER B 149 -24.95 9.18 24.19
N ALA B 150 -24.94 7.90 24.54
CA ALA B 150 -25.96 6.98 24.02
C ALA B 150 -27.35 7.39 24.50
N LYS B 151 -27.42 7.91 25.73
CA LYS B 151 -28.69 8.31 26.35
C LYS B 151 -29.35 9.49 25.65
N GLN B 152 -28.57 10.52 25.32
CA GLN B 152 -29.09 11.70 24.64
C GLN B 152 -28.92 11.67 23.11
N ASN B 153 -28.38 10.56 22.62
CA ASN B 153 -28.03 10.40 21.19
C ASN B 153 -27.16 11.55 20.68
N LYS B 154 -26.03 11.76 21.33
CA LYS B 154 -25.07 12.77 20.91
C LYS B 154 -23.75 12.11 20.49
N GLY B 155 -23.24 12.51 19.33
CA GLY B 155 -21.91 12.07 18.88
C GLY B 155 -21.82 10.69 18.26
N ILE B 156 -22.90 9.92 18.26
CA ILE B 156 -22.86 8.55 17.77
C ILE B 156 -22.86 8.47 16.24
N GLU B 157 -23.77 9.20 15.61
CA GLU B 157 -23.78 9.33 14.14
C GLU B 157 -22.41 9.76 13.65
N GLU B 158 -21.84 10.76 14.30
CA GLU B 158 -20.54 11.32 13.98
C GLU B 158 -19.40 10.32 14.15
N LEU B 159 -19.45 9.54 15.23
CA LEU B 159 -18.44 8.53 15.53
C LEU B 159 -18.33 7.49 14.42
N PHE B 160 -19.47 6.91 14.05
CA PHE B 160 -19.50 5.85 13.06
C PHE B 160 -19.21 6.36 11.66
N LEU B 161 -19.69 7.57 11.35
CA LEU B 161 -19.42 8.21 10.06
C LEU B 161 -17.92 8.45 9.88
N ASP B 162 -17.29 9.01 10.90
CA ASP B 162 -15.86 9.33 10.85
C ASP B 162 -15.00 8.06 10.81
N LEU B 163 -15.39 7.05 11.58
CA LEU B 163 -14.69 5.76 11.54
C LEU B 163 -14.76 5.15 10.14
N CYS B 164 -15.92 5.24 9.50
CA CYS B 164 -16.07 4.76 8.12
C CYS B 164 -15.16 5.53 7.16
N LYS B 165 -15.17 6.86 7.25
CA LYS B 165 -14.29 7.72 6.45
C LYS B 165 -12.82 7.32 6.60
N ARG B 166 -12.41 7.10 7.85
CA ARG B 166 -11.03 6.73 8.16
C ARG B 166 -10.64 5.34 7.64
N MET B 167 -11.59 4.40 7.68
CA MET B 167 -11.35 3.06 7.15
C MET B 167 -11.33 3.03 5.62
N ILE B 168 -12.11 3.93 4.99
CA ILE B 168 -12.10 4.10 3.54
C ILE B 168 -10.79 4.70 3.07
N GLU B 169 -10.30 5.69 3.80
CA GLU B 169 -9.03 6.36 3.48
C GLU B 169 -7.84 5.45 3.74
N THR B 170 -7.87 4.76 4.87
CA THR B 170 -6.80 3.84 5.30
C THR B 170 -7.30 2.92 6.41
N ALA C 4 47.18 13.74 -0.12
CA ALA C 4 47.26 13.84 -1.62
C ALA C 4 46.13 13.09 -2.31
N TYR C 5 45.62 13.68 -3.39
CA TYR C 5 44.50 13.13 -4.15
C TYR C 5 45.01 12.13 -5.19
N SER C 6 44.50 10.91 -5.14
CA SER C 6 44.90 9.86 -6.07
C SER C 6 43.78 9.55 -7.05
N PHE C 7 44.07 9.72 -8.34
CA PHE C 7 43.09 9.45 -9.39
C PHE C 7 43.60 8.42 -10.39
N LYS C 8 42.70 7.53 -10.79
CA LYS C 8 42.97 6.55 -11.85
C LYS C 8 42.34 7.04 -13.16
N VAL C 9 43.16 7.13 -14.21
CA VAL C 9 42.69 7.52 -15.54
C VAL C 9 43.05 6.44 -16.54
N VAL C 10 42.10 6.07 -17.41
CA VAL C 10 42.34 5.06 -18.45
C VAL C 10 42.26 5.64 -19.86
N LEU C 11 43.11 5.11 -20.74
CA LEU C 11 43.05 5.42 -22.17
C LEU C 11 42.28 4.35 -22.93
N LEU C 12 41.33 4.78 -23.75
CA LEU C 12 40.51 3.87 -24.56
C LEU C 12 40.34 4.42 -25.97
N GLY C 13 40.16 3.53 -26.93
CA GLY C 13 40.00 3.92 -28.33
C GLY C 13 40.52 2.90 -29.32
N GLU C 14 40.25 3.11 -30.60
CA GLU C 14 40.61 2.15 -31.66
C GLU C 14 42.12 2.04 -31.86
N GLY C 15 42.53 1.08 -32.70
CA GLY C 15 43.93 0.62 -32.75
C GLY C 15 44.97 1.57 -33.30
N CYS C 16 44.55 2.64 -33.96
CA CYS C 16 45.52 3.56 -34.58
C CYS C 16 45.36 5.02 -34.14
N VAL C 17 44.58 5.25 -33.08
CA VAL C 17 44.20 6.61 -32.68
C VAL C 17 45.30 7.42 -31.97
N GLY C 18 46.20 6.73 -31.28
CA GLY C 18 47.31 7.38 -30.60
C GLY C 18 47.20 7.47 -29.09
N LYS C 19 46.58 6.46 -28.48
CA LYS C 19 46.44 6.37 -27.02
C LYS C 19 47.79 6.41 -26.31
N THR C 20 48.67 5.47 -26.68
CA THR C 20 50.02 5.38 -26.12
C THR C 20 50.81 6.66 -26.39
N SER C 21 50.67 7.20 -27.60
CA SER C 21 51.35 8.45 -27.96
C SER C 21 50.96 9.62 -27.05
N LEU C 22 49.69 9.71 -26.66
CA LEU C 22 49.27 10.76 -25.72
C LEU C 22 49.97 10.65 -24.37
N VAL C 23 49.96 9.43 -23.80
CA VAL C 23 50.56 9.16 -22.50
C VAL C 23 52.08 9.35 -22.52
N LEU C 24 52.74 8.79 -23.55
CA LEU C 24 54.19 8.91 -23.67
C LEU C 24 54.65 10.37 -23.81
N ARG C 25 53.89 11.14 -24.58
CA ARG C 25 54.17 12.57 -24.74
C ARG C 25 53.99 13.32 -23.43
N TYR C 26 52.87 13.09 -22.76
CA TYR C 26 52.57 13.79 -21.51
C TYR C 26 53.57 13.47 -20.40
N CYS C 27 53.90 12.19 -20.25
CA CYS C 27 54.72 11.73 -19.12
C CYS C 27 56.22 11.83 -19.37
N GLU C 28 56.65 11.62 -20.61
CA GLU C 28 58.08 11.52 -20.92
C GLU C 28 58.58 12.51 -21.97
N ASN C 29 57.66 13.29 -22.55
CA ASN C 29 57.96 14.19 -23.68
C ASN C 29 58.67 13.47 -24.83
N LYS C 30 58.13 12.30 -25.17
CA LYS C 30 58.67 11.48 -26.25
C LYS C 30 57.56 11.10 -27.22
N PHE C 31 57.95 10.76 -28.44
CA PHE C 31 57.01 10.36 -29.49
C PHE C 31 57.69 9.40 -30.45
N ASN C 32 56.93 8.41 -30.91
CA ASN C 32 57.39 7.45 -31.91
C ASN C 32 56.49 7.47 -33.13
N ASP C 33 57.08 7.52 -34.32
CA ASP C 33 56.34 7.32 -35.57
C ASP C 33 55.85 5.88 -35.68
N LYS C 34 56.61 4.95 -35.07
CA LYS C 34 56.24 3.55 -35.09
C LYS C 34 55.04 3.31 -34.18
N HIS C 35 54.12 2.46 -34.65
CA HIS C 35 53.07 1.92 -33.79
C HIS C 35 53.67 0.78 -32.97
N ILE C 36 53.86 1.01 -31.68
CA ILE C 36 54.41 -0.01 -30.79
C ILE C 36 53.31 -0.97 -30.36
N THR C 37 53.50 -2.26 -30.66
CA THR C 37 52.57 -3.31 -30.23
C THR C 37 52.96 -3.80 -28.84
N THR C 38 52.10 -3.55 -27.87
CA THR C 38 52.34 -3.87 -26.47
C THR C 38 51.52 -5.07 -26.02
N LEU C 39 51.97 -5.73 -24.96
CA LEU C 39 51.19 -6.76 -24.31
C LEU C 39 50.84 -6.32 -22.88
N GLY C 40 49.55 -6.28 -22.57
CA GLY C 40 49.09 -5.98 -21.23
C GLY C 40 48.89 -4.51 -20.92
N ALA C 41 48.19 -4.25 -19.81
CA ALA C 41 47.91 -2.90 -19.34
C ALA C 41 48.96 -2.41 -18.37
N SER C 42 49.38 -1.17 -18.56
CA SER C 42 50.43 -0.55 -17.74
C SER C 42 50.00 0.84 -17.31
N PHE C 43 50.67 1.37 -16.30
CA PHE C 43 50.42 2.75 -15.88
C PHE C 43 51.69 3.55 -15.67
N LEU C 44 51.58 4.86 -15.85
CA LEU C 44 52.63 5.80 -15.46
C LEU C 44 52.01 6.79 -14.48
N THR C 45 52.80 7.22 -13.50
CA THR C 45 52.35 8.15 -12.48
C THR C 45 52.83 9.58 -12.77
N LYS C 46 51.89 10.51 -12.81
CA LYS C 46 52.20 11.93 -12.94
C LYS C 46 51.80 12.65 -11.65
N LYS C 47 52.72 13.42 -11.09
CA LYS C 47 52.45 14.19 -9.89
C LYS C 47 52.22 15.66 -10.24
N LEU C 48 51.09 16.19 -9.79
CA LEU C 48 50.71 17.58 -10.07
C LEU C 48 50.36 18.31 -8.78
N ASN C 49 50.59 19.62 -8.78
CA ASN C 49 50.14 20.50 -7.71
C ASN C 49 49.15 21.49 -8.28
N ILE C 50 47.88 21.37 -7.88
CA ILE C 50 46.79 22.17 -8.45
C ILE C 50 46.01 22.94 -7.38
N GLY C 51 46.11 24.26 -7.42
CA GLY C 51 45.38 25.15 -6.52
C GLY C 51 45.48 24.79 -5.05
N GLY C 52 46.67 24.35 -4.64
CA GLY C 52 46.94 23.98 -3.26
C GLY C 52 46.71 22.51 -2.96
N LYS C 53 46.48 21.72 -4.01
CA LYS C 53 46.22 20.28 -3.85
C LYS C 53 47.24 19.44 -4.59
N ARG C 54 47.86 18.50 -3.88
CA ARG C 54 48.80 17.55 -4.48
C ARG C 54 48.04 16.39 -5.12
N VAL C 55 48.26 16.18 -6.41
CA VAL C 55 47.56 15.15 -7.17
C VAL C 55 48.50 14.04 -7.63
N ASN C 56 48.15 12.79 -7.32
CA ASN C 56 48.84 11.62 -7.86
C ASN C 56 47.97 10.97 -8.94
N LEU C 57 48.40 11.13 -10.19
CA LEU C 57 47.62 10.66 -11.34
C LEU C 57 48.19 9.37 -11.90
N ALA C 58 47.44 8.29 -11.80
CA ALA C 58 47.80 7.01 -12.41
C ALA C 58 47.17 6.94 -13.79
N ILE C 59 48.01 7.05 -14.82
CA ILE C 59 47.54 7.09 -16.19
C ILE C 59 47.75 5.72 -16.83
N TRP C 60 46.64 5.04 -17.10
CA TRP C 60 46.65 3.67 -17.61
C TRP C 60 46.54 3.59 -19.13
N ASP C 61 47.18 2.57 -19.68
CA ASP C 61 47.23 2.36 -21.12
C ASP C 61 47.24 0.86 -21.43
N THR C 62 46.54 0.48 -22.49
CA THR C 62 46.56 -0.89 -23.01
C THR C 62 46.15 -0.88 -24.48
N ALA C 63 46.56 -1.92 -25.22
CA ALA C 63 46.19 -2.03 -26.63
C ALA C 63 44.67 -2.09 -26.79
N GLY C 64 44.15 -1.27 -27.70
CA GLY C 64 42.72 -1.16 -27.92
C GLY C 64 42.19 -2.06 -29.02
N GLN C 65 40.97 -1.78 -29.45
CA GLN C 65 40.30 -2.52 -30.53
C GLN C 65 40.30 -4.03 -30.26
N GLU C 66 40.84 -4.83 -31.19
CA GLU C 66 40.83 -6.29 -31.08
C GLU C 66 41.67 -6.85 -29.93
N ARG C 67 42.31 -5.98 -29.15
CA ARG C 67 43.15 -6.40 -28.04
C ARG C 67 42.56 -6.11 -26.66
N PHE C 68 41.51 -5.30 -26.61
CA PHE C 68 40.88 -4.97 -25.31
C PHE C 68 40.43 -6.21 -24.54
N HIS C 69 39.92 -7.21 -25.26
CA HIS C 69 39.42 -8.45 -24.65
C HIS C 69 40.45 -9.18 -23.78
N ALA C 70 41.74 -8.96 -24.05
CA ALA C 70 42.82 -9.58 -23.29
C ALA C 70 42.89 -8.99 -21.88
N LEU C 71 42.22 -7.85 -21.69
CA LEU C 71 42.11 -7.23 -20.37
C LEU C 71 40.70 -7.31 -19.82
N GLY C 72 39.73 -6.84 -20.58
CA GLY C 72 38.34 -6.80 -20.12
C GLY C 72 38.10 -5.67 -19.12
N PRO C 73 36.90 -5.62 -18.52
CA PRO C 73 36.45 -4.57 -17.61
C PRO C 73 37.35 -4.24 -16.43
N ILE C 74 38.14 -5.19 -15.95
CA ILE C 74 39.08 -4.93 -14.85
C ILE C 74 40.03 -3.77 -15.18
N TYR C 75 40.32 -3.58 -16.47
CA TYR C 75 41.17 -2.48 -16.92
C TYR C 75 40.65 -1.11 -16.45
N TYR C 76 39.35 -0.89 -16.61
CA TYR C 76 38.76 0.41 -16.27
C TYR C 76 38.07 0.45 -14.89
N ARG C 77 38.12 -0.67 -14.17
CA ARG C 77 37.57 -0.78 -12.82
C ARG C 77 38.13 0.33 -11.93
N ASP C 78 37.24 0.99 -11.17
CA ASP C 78 37.62 2.05 -10.21
C ASP C 78 38.16 3.34 -10.85
N SER C 79 38.05 3.47 -12.18
CA SER C 79 38.54 4.67 -12.88
C SER C 79 37.78 5.94 -12.53
N ASN C 80 38.51 6.99 -12.20
CA ASN C 80 37.94 8.31 -11.91
C ASN C 80 37.86 9.18 -13.16
N GLY C 81 38.64 8.81 -14.18
CA GLY C 81 38.64 9.52 -15.45
C GLY C 81 38.89 8.57 -16.61
N ALA C 82 38.32 8.89 -17.77
CA ALA C 82 38.59 8.13 -18.98
C ALA C 82 38.85 9.05 -20.14
N ILE C 83 39.91 8.77 -20.89
CA ILE C 83 40.25 9.53 -22.09
C ILE C 83 39.94 8.67 -23.30
N LEU C 84 38.87 9.02 -24.00
CA LEU C 84 38.39 8.26 -25.15
C LEU C 84 38.88 8.92 -26.41
N VAL C 85 39.88 8.30 -27.03
CA VAL C 85 40.63 8.91 -28.11
C VAL C 85 40.11 8.43 -29.46
N TYR C 86 39.86 9.40 -30.35
CA TYR C 86 39.65 9.09 -31.75
C TYR C 86 40.65 9.85 -32.62
N ASP C 87 40.67 9.49 -33.89
CA ASP C 87 41.56 10.06 -34.90
C ASP C 87 40.70 10.96 -35.79
N ILE C 88 41.03 12.25 -35.85
CA ILE C 88 40.20 13.23 -36.60
C ILE C 88 40.10 12.90 -38.10
N THR C 89 41.03 12.08 -38.59
CA THR C 89 41.02 11.65 -39.99
C THR C 89 40.17 10.39 -40.21
N ASP C 90 39.66 9.82 -39.12
CA ASP C 90 38.98 8.54 -39.15
C ASP C 90 37.59 8.65 -38.52
N GLU C 91 36.57 8.79 -39.37
CA GLU C 91 35.19 8.91 -38.91
C GLU C 91 34.73 7.72 -38.08
N ASP C 92 35.11 6.50 -38.48
CA ASP C 92 34.74 5.30 -37.73
C ASP C 92 35.29 5.31 -36.30
N SER C 93 36.52 5.79 -36.14
CA SER C 93 37.16 5.85 -34.81
C SER C 93 36.39 6.75 -33.85
N PHE C 94 35.78 7.81 -34.39
CA PHE C 94 34.93 8.71 -33.59
C PHE C 94 33.64 8.01 -33.17
N GLN C 95 32.97 7.37 -34.12
CA GLN C 95 31.74 6.64 -33.82
C GLN C 95 31.96 5.51 -32.80
N LYS C 96 33.15 4.89 -32.82
CA LYS C 96 33.52 3.84 -31.87
C LYS C 96 33.65 4.34 -30.42
N VAL C 97 33.98 5.62 -30.26
CA VAL C 97 34.11 6.24 -28.94
C VAL C 97 32.74 6.29 -28.24
N LYS C 98 31.68 6.45 -29.02
CA LYS C 98 30.31 6.51 -28.50
C LYS C 98 29.92 5.25 -27.74
N ASN C 99 30.36 4.09 -28.25
CA ASN C 99 30.12 2.82 -27.60
C ASN C 99 30.87 2.70 -26.27
N TRP C 100 32.06 3.30 -26.20
CA TRP C 100 32.78 3.38 -24.92
C TRP C 100 32.03 4.20 -23.88
N VAL C 101 31.45 5.33 -24.30
CA VAL C 101 30.67 6.16 -23.38
C VAL C 101 29.56 5.31 -22.75
N LYS C 102 28.83 4.55 -23.57
CA LYS C 102 27.72 3.72 -23.11
C LYS C 102 28.15 2.69 -22.05
N GLU C 103 29.27 2.01 -22.32
CA GLU C 103 29.78 1.00 -21.40
C GLU C 103 30.26 1.61 -20.09
N LEU C 104 30.98 2.73 -20.19
CA LEU C 104 31.51 3.38 -19.00
C LEU C 104 30.43 3.97 -18.09
N ARG C 105 29.38 4.52 -18.70
CA ARG C 105 28.23 4.98 -17.93
C ARG C 105 27.52 3.83 -17.21
N LYS C 106 27.38 2.69 -17.90
CA LYS C 106 26.76 1.51 -17.30
C LYS C 106 27.55 1.02 -16.08
N MET C 107 28.88 1.01 -16.20
CA MET C 107 29.75 0.43 -15.18
C MET C 107 30.12 1.41 -14.08
N LEU C 108 30.26 2.68 -14.42
CA LEU C 108 30.82 3.67 -13.50
C LEU C 108 29.94 4.92 -13.31
N GLY C 109 28.87 5.03 -14.10
CA GLY C 109 27.91 6.12 -13.95
C GLY C 109 28.46 7.50 -14.25
N ASN C 110 27.86 8.53 -13.64
CA ASN C 110 28.26 9.92 -13.91
C ASN C 110 29.48 10.41 -13.11
N GLU C 111 29.88 9.66 -12.08
CA GLU C 111 31.05 10.07 -11.30
C GLU C 111 32.37 9.99 -12.07
N ILE C 112 32.46 9.11 -13.06
CA ILE C 112 33.64 9.09 -13.93
C ILE C 112 33.65 10.30 -14.87
N CYS C 113 34.78 11.00 -14.92
CA CYS C 113 34.95 12.14 -15.82
C CYS C 113 35.41 11.68 -17.20
N LEU C 114 34.55 11.88 -18.20
CA LEU C 114 34.83 11.42 -19.56
C LEU C 114 35.40 12.54 -20.43
N CYS C 115 36.42 12.18 -21.21
CA CYS C 115 37.00 13.08 -22.19
C CYS C 115 36.86 12.45 -23.57
N ILE C 116 36.32 13.23 -24.51
CA ILE C 116 36.25 12.82 -25.90
C ILE C 116 37.37 13.57 -26.61
N VAL C 117 38.37 12.83 -27.09
CA VAL C 117 39.61 13.45 -27.55
C VAL C 117 39.90 13.22 -29.03
N GLY C 118 39.87 14.29 -29.80
CA GLY C 118 40.18 14.25 -31.22
C GLY C 118 41.66 14.46 -31.43
N ASN C 119 42.38 13.35 -31.58
CA ASN C 119 43.83 13.38 -31.74
C ASN C 119 44.25 13.48 -33.21
N LYS C 120 45.54 13.79 -33.42
CA LYS C 120 46.15 13.94 -34.75
C LYS C 120 45.71 15.21 -35.48
N ILE C 121 45.53 16.30 -34.73
CA ILE C 121 45.08 17.58 -35.33
C ILE C 121 46.13 18.20 -36.24
N ASP C 122 47.36 17.67 -36.18
CA ASP C 122 48.41 18.05 -37.12
C ASP C 122 48.08 17.56 -38.54
N LEU C 123 47.15 16.62 -38.63
CA LEU C 123 46.69 16.08 -39.92
C LEU C 123 45.34 16.68 -40.33
N GLU C 124 45.15 17.97 -40.04
CA GLU C 124 43.91 18.68 -40.35
C GLU C 124 43.48 18.60 -41.82
N LYS C 125 44.46 18.55 -42.73
CA LYS C 125 44.21 18.41 -44.16
C LYS C 125 43.46 17.12 -44.51
N GLU C 126 43.52 16.14 -43.61
CA GLU C 126 42.89 14.84 -43.82
C GLU C 126 41.67 14.63 -42.92
N ARG C 127 41.18 15.69 -42.28
CA ARG C 127 40.05 15.62 -41.35
C ARG C 127 38.81 15.01 -41.99
N HIS C 128 38.16 14.09 -41.27
CA HIS C 128 36.89 13.51 -41.71
C HIS C 128 35.81 13.59 -40.63
N VAL C 129 36.20 13.95 -39.42
CA VAL C 129 35.25 14.11 -38.33
C VAL C 129 34.83 15.58 -38.22
N SER C 130 33.53 15.81 -38.03
CA SER C 130 33.02 17.17 -37.81
C SER C 130 33.29 17.62 -36.39
N ILE C 131 33.96 18.76 -36.25
CA ILE C 131 34.21 19.37 -34.94
C ILE C 131 32.89 19.66 -34.22
N GLN C 132 31.92 20.22 -34.95
CA GLN C 132 30.61 20.52 -34.38
C GLN C 132 29.91 19.26 -33.89
N GLU C 133 29.95 18.20 -34.69
CA GLU C 133 29.37 16.92 -34.30
C GLU C 133 30.03 16.36 -33.03
N ALA C 134 31.36 16.39 -32.99
CA ALA C 134 32.12 15.84 -31.87
C ALA C 134 31.87 16.62 -30.58
N GLU C 135 31.90 17.95 -30.67
CA GLU C 135 31.67 18.82 -29.52
C GLU C 135 30.23 18.69 -29.00
N SER C 136 29.27 18.68 -29.93
CA SER C 136 27.86 18.50 -29.57
C SER C 136 27.62 17.15 -28.90
N TYR C 137 28.22 16.10 -29.45
CA TYR C 137 28.10 14.77 -28.87
C TYR C 137 28.63 14.73 -27.44
N ALA C 138 29.86 15.21 -27.25
CA ALA C 138 30.50 15.24 -25.93
C ALA C 138 29.58 15.90 -24.89
N GLU C 139 29.07 17.08 -25.23
CA GLU C 139 28.15 17.81 -24.36
C GLU C 139 26.90 16.99 -24.04
N SER C 140 26.36 16.31 -25.05
CA SER C 140 25.11 15.54 -24.90
C SER C 140 25.20 14.37 -23.93
N VAL C 141 26.42 13.87 -23.69
CA VAL C 141 26.63 12.73 -22.78
C VAL C 141 27.35 13.12 -21.48
N GLY C 142 27.38 14.42 -21.19
CA GLY C 142 28.02 14.92 -19.97
C GLY C 142 29.53 14.77 -19.96
N ALA C 143 30.13 14.77 -21.14
CA ALA C 143 31.58 14.72 -21.29
C ALA C 143 32.10 16.09 -21.77
N LYS C 144 33.41 16.21 -21.86
CA LYS C 144 34.04 17.38 -22.46
C LYS C 144 34.86 16.94 -23.66
N HIS C 145 34.91 17.80 -24.68
CA HIS C 145 35.70 17.53 -25.88
C HIS C 145 37.03 18.27 -25.87
N TYR C 146 38.07 17.62 -26.39
CA TYR C 146 39.43 18.17 -26.46
C TYR C 146 40.08 17.83 -27.80
N HIS C 147 40.91 18.75 -28.29
CA HIS C 147 41.74 18.49 -29.48
C HIS C 147 43.21 18.33 -29.09
N THR C 148 43.85 17.31 -29.65
CA THR C 148 45.27 17.06 -29.34
C THR C 148 46.09 16.67 -30.58
N SER C 149 47.38 16.95 -30.51
CA SER C 149 48.36 16.31 -31.38
C SER C 149 49.50 15.79 -30.52
N ALA C 150 49.61 14.47 -30.42
CA ALA C 150 50.73 13.84 -29.73
C ALA C 150 52.05 14.14 -30.46
N LYS C 151 51.98 14.17 -31.79
CA LYS C 151 53.15 14.42 -32.63
C LYS C 151 53.76 15.81 -32.38
N GLN C 152 52.91 16.83 -32.32
CA GLN C 152 53.38 18.22 -32.17
C GLN C 152 53.29 18.74 -30.74
N ASN C 153 52.83 17.89 -29.81
CA ASN C 153 52.64 18.27 -28.40
C ASN C 153 51.71 19.48 -28.23
N LYS C 154 50.51 19.36 -28.78
CA LYS C 154 49.48 20.39 -28.67
C LYS C 154 48.26 19.84 -27.94
N GLY C 155 47.79 20.58 -26.94
CA GLY C 155 46.54 20.27 -26.25
C GLY C 155 46.61 19.21 -25.17
N ILE C 156 47.79 18.62 -24.99
CA ILE C 156 47.95 17.49 -24.06
C ILE C 156 48.08 17.96 -22.61
N GLU C 157 48.94 18.94 -22.37
CA GLU C 157 49.04 19.57 -21.05
C GLU C 157 47.67 20.03 -20.59
N GLU C 158 46.94 20.65 -21.51
CA GLU C 158 45.62 21.22 -21.23
C GLU C 158 44.59 20.13 -20.91
N LEU C 159 44.62 19.05 -21.68
CA LEU C 159 43.72 17.91 -21.48
C LEU C 159 43.84 17.34 -20.06
N PHE C 160 45.06 17.01 -19.66
CA PHE C 160 45.27 16.35 -18.38
C PHE C 160 45.00 17.26 -17.19
N LEU C 161 45.39 18.53 -17.31
CA LEU C 161 45.14 19.52 -16.26
C LEU C 161 43.65 19.72 -16.03
N ASP C 162 42.90 19.88 -17.12
CA ASP C 162 41.45 20.05 -17.04
C ASP C 162 40.78 18.82 -16.46
N LEU C 163 41.22 17.64 -16.87
CA LEU C 163 40.69 16.38 -16.34
C LEU C 163 40.91 16.30 -14.82
N CYS C 164 42.10 16.66 -14.36
CA CYS C 164 42.41 16.65 -12.93
C CYS C 164 41.51 17.61 -12.14
N LYS C 165 41.30 18.81 -12.68
CA LYS C 165 40.42 19.79 -12.06
C LYS C 165 38.99 19.27 -12.00
N ARG C 166 38.57 18.60 -13.07
CA ARG C 166 37.24 18.00 -13.13
C ARG C 166 37.07 16.87 -12.11
N MET C 167 38.13 16.07 -11.92
CA MET C 167 38.09 14.98 -10.95
C MET C 167 38.16 15.46 -9.50
N ILE C 168 38.73 16.66 -9.29
CA ILE C 168 38.81 17.25 -7.96
C ILE C 168 37.44 17.77 -7.48
N GLU C 169 36.68 18.35 -8.41
CA GLU C 169 35.38 18.95 -8.09
C GLU C 169 34.44 17.99 -7.33
N THR C 170 33.81 18.53 -6.28
CA THR C 170 32.87 17.78 -5.46
C THR C 170 31.42 18.16 -5.81
N TYR D 5 3.54 35.80 49.65
CA TYR D 5 2.49 35.07 48.87
C TYR D 5 3.13 34.08 47.91
N SER D 6 2.68 32.83 47.97
CA SER D 6 3.23 31.78 47.10
C SER D 6 2.15 31.30 46.14
N PHE D 7 2.50 31.28 44.85
CA PHE D 7 1.56 30.89 43.80
C PHE D 7 2.13 29.81 42.89
N LYS D 8 1.27 28.89 42.47
CA LYS D 8 1.62 27.87 41.48
C LYS D 8 1.08 28.29 40.12
N VAL D 9 1.96 28.32 39.12
CA VAL D 9 1.60 28.67 37.75
C VAL D 9 2.02 27.54 36.80
N VAL D 10 1.13 27.18 35.88
CA VAL D 10 1.44 26.16 34.87
C VAL D 10 1.43 26.71 33.46
N LEU D 11 2.29 26.13 32.62
CA LEU D 11 2.27 26.41 31.18
C LEU D 11 1.57 25.28 30.45
N LEU D 12 0.68 25.66 29.53
CA LEU D 12 -0.10 24.71 28.75
C LEU D 12 -0.20 25.19 27.30
N GLY D 13 -0.39 24.26 26.38
CA GLY D 13 -0.48 24.58 24.96
C GLY D 13 0.12 23.51 24.08
N GLU D 14 -0.06 23.65 22.77
CA GLU D 14 0.39 22.64 21.82
C GLU D 14 1.92 22.55 21.73
N GLY D 15 2.42 21.56 20.99
CA GLY D 15 3.84 21.21 20.97
C GLY D 15 4.79 22.21 20.36
N CYS D 16 4.26 23.11 19.52
CA CYS D 16 5.08 24.07 18.77
C CYS D 16 5.17 25.47 19.38
N VAL D 17 4.39 25.72 20.43
CA VAL D 17 4.03 27.08 20.82
C VAL D 17 5.11 27.91 21.52
N GLY D 18 5.97 27.25 22.30
CA GLY D 18 7.05 27.93 23.01
C GLY D 18 6.86 28.07 24.52
N LYS D 19 6.20 27.09 25.14
CA LYS D 19 6.01 27.05 26.59
C LYS D 19 7.34 27.11 27.34
N THR D 20 8.22 26.14 27.03
CA THR D 20 9.54 26.06 27.64
C THR D 20 10.36 27.30 27.36
N SER D 21 10.24 27.82 26.14
CA SER D 21 10.94 29.04 25.75
C SER D 21 10.53 30.25 26.61
N LEU D 22 9.25 30.36 26.94
CA LEU D 22 8.78 31.40 27.84
C LEU D 22 9.43 31.32 29.23
N VAL D 23 9.43 30.13 29.82
CA VAL D 23 9.99 29.89 31.15
C VAL D 23 11.51 30.09 31.17
N LEU D 24 12.19 29.50 30.19
CA LEU D 24 13.65 29.60 30.10
C LEU D 24 14.11 31.05 29.92
N ARG D 25 13.39 31.81 29.10
CA ARG D 25 13.70 33.23 28.91
C ARG D 25 13.48 34.03 30.20
N TYR D 26 12.34 33.81 30.85
CA TYR D 26 12.00 34.56 32.06
C TYR D 26 12.94 34.26 33.22
N CYS D 27 13.25 32.98 33.42
CA CYS D 27 13.99 32.53 34.60
C CYS D 27 15.49 32.52 34.42
N GLU D 28 15.96 32.28 33.19
CA GLU D 28 17.39 32.11 32.94
C GLU D 28 17.98 33.07 31.91
N ASN D 29 17.12 33.87 31.28
CA ASN D 29 17.49 34.76 30.17
C ASN D 29 18.22 34.02 29.03
N LYS D 30 17.70 32.84 28.69
CA LYS D 30 18.26 32.02 27.62
C LYS D 30 17.17 31.64 26.61
N PHE D 31 17.58 31.28 25.41
CA PHE D 31 16.66 30.86 24.35
C PHE D 31 17.36 29.87 23.42
N ASN D 32 16.59 28.89 22.95
CA ASN D 32 17.06 27.89 22.00
C ASN D 32 16.18 27.89 20.77
N ASP D 33 16.79 27.94 19.59
CA ASP D 33 16.07 27.72 18.34
C ASP D 33 15.61 26.26 18.23
N LYS D 34 16.34 25.35 18.89
CA LYS D 34 15.98 23.94 18.90
C LYS D 34 14.76 23.70 19.79
N HIS D 35 13.86 22.83 19.33
CA HIS D 35 12.81 22.30 20.19
C HIS D 35 13.40 21.20 21.06
N ILE D 36 13.54 21.49 22.35
CA ILE D 36 14.11 20.54 23.30
C ILE D 36 13.02 19.59 23.80
N THR D 37 13.23 18.30 23.58
CA THR D 37 12.30 17.27 24.02
C THR D 37 12.62 16.87 25.45
N THR D 38 11.65 17.08 26.33
CA THR D 38 11.83 16.86 27.76
C THR D 38 10.98 15.69 28.25
N LEU D 39 11.42 15.07 29.34
CA LEU D 39 10.65 14.04 30.01
C LEU D 39 10.19 14.56 31.37
N GLY D 40 8.88 14.63 31.55
CA GLY D 40 8.29 14.98 32.84
C GLY D 40 8.07 16.45 33.11
N ALA D 41 7.35 16.73 34.19
CA ALA D 41 7.04 18.08 34.61
C ALA D 41 8.05 18.58 35.63
N SER D 42 8.51 19.81 35.44
CA SER D 42 9.49 20.45 36.33
C SER D 42 9.01 21.84 36.70
N PHE D 43 9.60 22.41 37.76
CA PHE D 43 9.32 23.79 38.13
C PHE D 43 10.58 24.60 38.40
N LEU D 44 10.48 25.91 38.15
CA LEU D 44 11.50 26.86 38.55
C LEU D 44 10.87 27.90 39.47
N THR D 45 11.64 28.36 40.45
CA THR D 45 11.17 29.34 41.42
C THR D 45 11.66 30.74 41.06
N LYS D 46 10.71 31.68 40.98
CA LYS D 46 11.02 33.09 40.76
C LYS D 46 10.53 33.88 41.97
N LYS D 47 11.41 34.72 42.51
CA LYS D 47 11.06 35.56 43.66
C LYS D 47 10.93 37.01 43.22
N LEU D 48 9.75 37.58 43.46
CA LEU D 48 9.41 38.92 42.97
C LEU D 48 9.09 39.89 44.11
N ASN D 49 9.36 41.17 43.87
CA ASN D 49 8.92 42.24 44.76
C ASN D 49 7.75 43.00 44.14
N ILE D 50 6.58 42.86 44.73
CA ILE D 50 5.37 43.53 44.24
C ILE D 50 4.62 44.16 45.41
N GLY D 51 4.37 45.46 45.31
CA GLY D 51 3.66 46.21 46.34
C GLY D 51 4.28 46.07 47.73
N GLY D 52 5.61 45.97 47.76
CA GLY D 52 6.35 45.82 49.01
C GLY D 52 6.36 44.41 49.57
N LYS D 53 5.81 43.46 48.83
CA LYS D 53 5.70 42.08 49.28
C LYS D 53 6.59 41.13 48.47
N ARG D 54 7.16 40.16 49.17
CA ARG D 54 7.97 39.12 48.53
C ARG D 54 7.06 38.01 48.02
N VAL D 55 6.99 37.88 46.70
CA VAL D 55 6.12 36.89 46.06
C VAL D 55 6.95 35.72 45.55
N ASN D 56 6.54 34.52 45.96
CA ASN D 56 7.17 33.30 45.49
C ASN D 56 6.35 32.68 44.36
N LEU D 57 6.99 32.51 43.21
CA LEU D 57 6.32 31.97 42.03
C LEU D 57 6.94 30.64 41.63
N ALA D 58 6.15 29.57 41.74
CA ALA D 58 6.57 28.26 41.22
C ALA D 58 6.00 28.12 39.81
N ILE D 59 6.90 28.16 38.83
CA ILE D 59 6.52 28.16 37.42
C ILE D 59 6.76 26.77 36.84
N TRP D 60 5.66 26.07 36.53
CA TRP D 60 5.71 24.70 36.08
C TRP D 60 5.68 24.59 34.56
N ASP D 61 6.32 23.53 34.06
CA ASP D 61 6.42 23.28 32.63
C ASP D 61 6.43 21.77 32.39
N THR D 62 5.73 21.34 31.34
CA THR D 62 5.77 19.95 30.89
C THR D 62 5.46 19.92 29.38
N ALA D 63 5.90 18.86 28.71
CA ALA D 63 5.61 18.68 27.29
C ALA D 63 4.10 18.62 27.05
N GLY D 64 3.62 19.40 26.08
CA GLY D 64 2.19 19.49 25.80
C GLY D 64 1.73 18.54 24.70
N GLN D 65 0.53 18.81 24.18
CA GLN D 65 -0.07 18.04 23.09
C GLN D 65 -0.07 16.53 23.41
N GLU D 66 0.52 15.72 22.54
CA GLU D 66 0.49 14.26 22.67
C GLU D 66 1.28 13.71 23.87
N ARG D 67 1.94 14.61 24.61
CA ARG D 67 2.70 14.20 25.80
C ARG D 67 2.03 14.57 27.13
N PHE D 68 0.97 15.38 27.09
CA PHE D 68 0.29 15.76 28.33
C PHE D 68 -0.21 14.56 29.13
N HIS D 69 -0.68 13.52 28.43
CA HIS D 69 -1.20 12.31 29.07
C HIS D 69 -0.20 11.63 30.02
N ALA D 70 1.09 11.88 29.80
CA ALA D 70 2.17 11.31 30.63
C ALA D 70 2.16 11.90 32.04
N LEU D 71 1.44 13.03 32.18
CA LEU D 71 1.26 13.70 33.47
C LEU D 71 -0.19 13.66 33.96
N GLY D 72 -1.12 14.09 33.12
CA GLY D 72 -2.52 14.18 33.53
C GLY D 72 -2.80 15.34 34.48
N PRO D 73 -4.03 15.42 35.04
CA PRO D 73 -4.47 16.54 35.89
C PRO D 73 -3.59 16.89 37.09
N ILE D 74 -2.81 15.94 37.60
CA ILE D 74 -1.89 16.23 38.72
C ILE D 74 -0.95 17.40 38.40
N TYR D 75 -0.63 17.55 37.11
CA TYR D 75 0.23 18.66 36.64
C TYR D 75 -0.33 20.03 37.01
N TYR D 76 -1.62 20.26 36.75
CA TYR D 76 -2.22 21.58 36.99
C TYR D 76 -2.99 21.71 38.30
N ARG D 77 -3.06 20.60 39.05
CA ARG D 77 -3.71 20.55 40.37
C ARG D 77 -3.18 21.68 41.27
N ASP D 78 -4.11 22.40 41.90
CA ASP D 78 -3.79 23.47 42.86
C ASP D 78 -3.21 24.76 42.27
N SER D 79 -3.21 24.88 40.94
CA SER D 79 -2.66 26.05 40.26
C SER D 79 -3.46 27.31 40.54
N ASN D 80 -2.76 28.39 40.83
CA ASN D 80 -3.39 29.70 41.05
C ASN D 80 -3.44 30.51 39.76
N GLY D 81 -2.56 30.17 38.83
CA GLY D 81 -2.55 30.79 37.51
C GLY D 81 -2.18 29.79 36.44
N ALA D 82 -2.61 30.07 35.22
CA ALA D 82 -2.25 29.24 34.07
C ALA D 82 -1.96 30.12 32.87
N ILE D 83 -0.87 29.79 32.18
CA ILE D 83 -0.44 30.51 31.00
C ILE D 83 -0.68 29.58 29.81
N LEU D 84 -1.70 29.93 29.03
CA LEU D 84 -2.15 29.12 27.90
C LEU D 84 -1.57 29.73 26.63
N VAL D 85 -0.56 29.06 26.09
CA VAL D 85 0.24 29.62 25.01
C VAL D 85 -0.17 29.09 23.66
N TYR D 86 -0.27 29.99 22.69
CA TYR D 86 -0.46 29.61 21.30
C TYR D 86 0.57 30.29 20.42
N ASP D 87 0.71 29.78 19.19
CA ASP D 87 1.64 30.28 18.20
C ASP D 87 0.84 31.15 17.23
N ILE D 88 1.22 32.43 17.10
CA ILE D 88 0.49 33.37 16.23
C ILE D 88 0.51 32.97 14.75
N THR D 89 1.46 32.13 14.35
CA THR D 89 1.54 31.63 12.99
C THR D 89 0.74 30.34 12.80
N ASP D 90 0.21 29.82 13.91
CA ASP D 90 -0.50 28.53 13.93
C ASP D 90 -1.94 28.72 14.42
N GLU D 91 -2.89 28.72 13.49
CA GLU D 91 -4.30 28.91 13.80
C GLU D 91 -4.88 27.81 14.70
N ASP D 92 -4.51 26.55 14.43
CA ASP D 92 -4.97 25.43 15.26
C ASP D 92 -4.50 25.54 16.70
N SER D 93 -3.28 26.02 16.91
CA SER D 93 -2.74 26.20 18.27
C SER D 93 -3.57 27.18 19.10
N PHE D 94 -4.12 28.20 18.45
CA PHE D 94 -5.03 29.14 19.11
C PHE D 94 -6.35 28.48 19.52
N GLN D 95 -6.91 27.68 18.62
CA GLN D 95 -8.18 26.99 18.89
C GLN D 95 -8.03 25.92 19.99
N LYS D 96 -6.84 25.33 20.08
CA LYS D 96 -6.55 24.33 21.11
C LYS D 96 -6.51 24.94 22.52
N VAL D 97 -6.17 26.22 22.59
CA VAL D 97 -6.16 26.96 23.85
C VAL D 97 -7.56 27.04 24.46
N LYS D 98 -8.56 27.15 23.60
CA LYS D 98 -9.97 27.17 24.03
C LYS D 98 -10.36 25.91 24.81
N ASN D 99 -9.85 24.76 24.35
CA ASN D 99 -10.07 23.48 25.03
C ASN D 99 -9.46 23.47 26.44
N TRP D 100 -8.33 24.14 26.61
CA TRP D 100 -7.68 24.25 27.91
C TRP D 100 -8.45 25.16 28.87
N VAL D 101 -9.00 26.26 28.35
CA VAL D 101 -9.88 27.14 29.13
C VAL D 101 -11.04 26.31 29.69
N LYS D 102 -11.67 25.52 28.82
CA LYS D 102 -12.80 24.68 29.23
C LYS D 102 -12.44 23.75 30.39
N GLU D 103 -11.29 23.08 30.27
CA GLU D 103 -10.89 22.12 31.30
C GLU D 103 -10.48 22.79 32.61
N LEU D 104 -9.75 23.89 32.52
CA LEU D 104 -9.29 24.58 33.73
C LEU D 104 -10.43 25.27 34.50
N ARG D 105 -11.41 25.80 33.77
CA ARG D 105 -12.61 26.33 34.41
C ARG D 105 -13.43 25.21 35.05
N LYS D 106 -13.51 24.07 34.37
CA LYS D 106 -14.17 22.89 34.91
C LYS D 106 -13.53 22.41 36.21
N MET D 107 -12.20 22.39 36.24
CA MET D 107 -11.45 21.82 37.36
C MET D 107 -11.11 22.81 38.47
N LEU D 108 -10.93 24.08 38.12
CA LEU D 108 -10.49 25.09 39.08
C LEU D 108 -11.36 26.34 39.17
N GLY D 109 -12.39 26.41 38.32
CA GLY D 109 -13.37 27.50 38.37
C GLY D 109 -12.82 28.89 38.07
N ASN D 110 -13.55 29.91 38.52
CA ASN D 110 -13.17 31.30 38.28
C ASN D 110 -11.96 31.80 39.09
N GLU D 111 -11.61 31.08 40.16
CA GLU D 111 -10.51 31.51 41.02
C GLU D 111 -9.14 31.44 40.35
N ILE D 112 -8.94 30.49 39.44
CA ILE D 112 -7.68 30.43 38.69
C ILE D 112 -7.56 31.62 37.72
N CYS D 113 -6.39 32.26 37.73
CA CYS D 113 -6.13 33.39 36.83
C CYS D 113 -5.58 32.87 35.50
N LEU D 114 -6.35 33.07 34.43
CA LEU D 114 -5.98 32.58 33.10
C LEU D 114 -5.34 33.65 32.23
N CYS D 115 -4.30 33.24 31.51
CA CYS D 115 -3.62 34.09 30.54
C CYS D 115 -3.70 33.41 29.19
N ILE D 116 -4.14 34.15 28.17
CA ILE D 116 -4.10 33.68 26.79
C ILE D 116 -2.93 34.38 26.11
N VAL D 117 -1.91 33.61 25.77
CA VAL D 117 -0.64 34.19 25.32
C VAL D 117 -0.32 33.88 23.87
N GLY D 118 -0.29 34.93 23.05
CA GLY D 118 0.10 34.84 21.65
C GLY D 118 1.59 35.02 21.49
N ASN D 119 2.30 33.90 21.40
CA ASN D 119 3.76 33.91 21.34
C ASN D 119 4.27 33.95 19.90
N LYS D 120 5.56 34.28 19.76
CA LYS D 120 6.27 34.36 18.46
C LYS D 120 5.91 35.62 17.67
N ILE D 121 5.70 36.74 18.37
CA ILE D 121 5.34 38.00 17.71
C ILE D 121 6.46 38.56 16.82
N ASP D 122 7.66 38.01 16.97
CA ASP D 122 8.78 38.32 16.08
C ASP D 122 8.55 37.78 14.66
N LEU D 123 7.60 36.84 14.54
CA LEU D 123 7.20 36.29 13.24
C LEU D 123 5.90 36.93 12.76
N GLU D 124 5.80 38.24 12.94
CA GLU D 124 4.59 39.02 12.61
C GLU D 124 4.16 38.89 11.15
N LYS D 125 5.13 38.74 10.25
CA LYS D 125 4.87 38.59 8.82
C LYS D 125 4.19 37.26 8.47
N GLU D 126 4.30 36.29 9.37
CA GLU D 126 3.70 34.97 9.18
C GLU D 126 2.46 34.75 10.04
N ARG D 127 1.93 35.84 10.60
CA ARG D 127 0.74 35.77 11.46
C ARG D 127 -0.46 35.15 10.74
N HIS D 128 -1.16 34.25 11.44
CA HIS D 128 -2.38 33.63 10.93
C HIS D 128 -3.54 33.76 11.92
N VAL D 129 -3.22 34.09 13.17
CA VAL D 129 -4.24 34.30 14.20
C VAL D 129 -4.58 35.79 14.31
N SER D 130 -5.88 36.09 14.32
CA SER D 130 -6.36 37.47 14.48
C SER D 130 -6.20 37.95 15.92
N ILE D 131 -5.58 39.12 16.08
CA ILE D 131 -5.44 39.75 17.40
C ILE D 131 -6.80 40.07 17.99
N GLN D 132 -7.67 40.69 17.18
CA GLN D 132 -9.01 41.06 17.61
C GLN D 132 -9.81 39.84 18.08
N GLU D 133 -9.70 38.73 17.35
CA GLU D 133 -10.36 37.47 17.70
C GLU D 133 -9.82 36.91 19.03
N ALA D 134 -8.50 36.90 19.17
CA ALA D 134 -7.85 36.38 20.37
C ALA D 134 -8.16 37.20 21.62
N GLU D 135 -8.17 38.52 21.47
CA GLU D 135 -8.50 39.43 22.57
C GLU D 135 -9.97 39.34 22.98
N SER D 136 -10.85 39.25 21.98
CA SER D 136 -12.29 39.10 22.23
C SER D 136 -12.57 37.78 22.92
N TYR D 137 -11.92 36.71 22.46
CA TYR D 137 -12.09 35.42 23.12
C TYR D 137 -11.65 35.47 24.58
N ALA D 138 -10.46 36.02 24.81
CA ALA D 138 -9.89 36.12 26.17
C ALA D 138 -10.85 36.80 27.14
N GLU D 139 -11.38 37.94 26.71
CA GLU D 139 -12.37 38.70 27.49
C GLU D 139 -13.63 37.90 27.78
N SER D 140 -14.08 37.13 26.80
CA SER D 140 -15.31 36.35 26.92
C SER D 140 -15.25 35.25 27.99
N VAL D 141 -14.04 34.78 28.29
CA VAL D 141 -13.84 33.72 29.29
C VAL D 141 -13.19 34.21 30.60
N GLY D 142 -13.12 35.53 30.76
CA GLY D 142 -12.58 36.13 31.99
C GLY D 142 -11.07 36.00 32.11
N ALA D 143 -10.40 35.85 30.98
CA ALA D 143 -8.94 35.79 30.92
C ALA D 143 -8.39 37.12 30.40
N LYS D 144 -7.07 37.28 30.48
CA LYS D 144 -6.39 38.41 29.86
C LYS D 144 -5.50 37.91 28.73
N HIS D 145 -5.42 38.70 27.66
CA HIS D 145 -4.58 38.37 26.52
C HIS D 145 -3.24 39.12 26.58
N TYR D 146 -2.16 38.43 26.19
CA TYR D 146 -0.82 38.99 26.19
C TYR D 146 -0.08 38.62 24.89
N HIS D 147 0.79 39.52 24.43
CA HIS D 147 1.68 39.26 23.30
C HIS D 147 3.09 39.00 23.81
N THR D 148 3.73 37.95 23.33
CA THR D 148 5.13 37.66 23.69
C THR D 148 6.01 37.23 22.53
N SER D 149 7.31 37.45 22.70
CA SER D 149 8.33 36.78 21.91
C SER D 149 9.42 36.30 22.86
N ALA D 150 9.52 34.99 23.03
CA ALA D 150 10.61 34.42 23.81
C ALA D 150 11.95 34.67 23.12
N LYS D 151 11.94 34.62 21.80
CA LYS D 151 13.14 34.80 20.98
C LYS D 151 13.76 36.19 21.19
N GLN D 152 12.92 37.21 21.19
CA GLN D 152 13.37 38.61 21.29
C GLN D 152 13.22 39.19 22.69
N ASN D 153 12.76 38.38 23.63
CA ASN D 153 12.47 38.80 25.01
C ASN D 153 11.54 40.02 25.10
N LYS D 154 10.36 39.87 24.49
CA LYS D 154 9.34 40.92 24.53
C LYS D 154 8.08 40.40 25.21
N GLY D 155 7.54 41.21 26.12
CA GLY D 155 6.26 40.94 26.76
C GLY D 155 6.26 39.93 27.89
N ILE D 156 7.42 39.32 28.15
CA ILE D 156 7.50 38.22 29.13
C ILE D 156 7.58 38.72 30.57
N GLU D 157 8.37 39.76 30.81
CA GLU D 157 8.41 40.41 32.12
C GLU D 157 7.02 40.87 32.54
N GLU D 158 6.32 41.52 31.60
CA GLU D 158 4.99 42.07 31.84
C GLU D 158 3.94 40.99 32.09
N LEU D 159 4.01 39.91 31.31
CA LEU D 159 3.10 38.77 31.47
C LEU D 159 3.12 38.22 32.89
N PHE D 160 4.31 37.86 33.38
CA PHE D 160 4.45 37.27 34.70
C PHE D 160 4.15 38.24 35.83
N LEU D 161 4.56 39.49 35.67
CA LEU D 161 4.26 40.53 36.66
C LEU D 161 2.76 40.75 36.78
N ASP D 162 2.09 40.90 35.64
CA ASP D 162 0.65 41.12 35.60
C ASP D 162 -0.13 39.92 36.14
N LEU D 163 0.34 38.72 35.84
CA LEU D 163 -0.27 37.51 36.39
C LEU D 163 -0.20 37.51 37.92
N CYS D 164 0.98 37.85 38.45
CA CYS D 164 1.16 37.97 39.89
C CYS D 164 0.21 39.00 40.50
N LYS D 165 0.08 40.16 39.86
CA LYS D 165 -0.82 41.22 40.34
C LYS D 165 -2.28 40.75 40.36
N ARG D 166 -2.67 40.02 39.33
CA ARG D 166 -4.03 39.49 39.21
C ARG D 166 -4.30 38.40 40.25
N MET D 167 -3.27 37.63 40.59
CA MET D 167 -3.41 36.59 41.60
C MET D 167 -3.48 37.19 43.01
N ILE D 168 -2.83 38.34 43.19
CA ILE D 168 -2.80 39.04 44.47
C ILE D 168 -4.07 39.88 44.71
N GLU D 169 -4.61 40.47 43.65
CA GLU D 169 -5.69 41.47 43.78
C GLU D 169 -6.99 40.94 44.41
N THR D 170 -7.25 39.64 44.25
CA THR D 170 -8.44 39.00 44.83
C THR D 170 -8.10 37.62 45.38
MG MG E . -36.29 -51.38 -19.82
PG GNP F . -34.59 -51.64 -17.18
O1G GNP F . -34.68 -52.28 -15.81
O2G GNP F . -35.60 -52.14 -18.17
O3G GNP F . -33.15 -51.82 -17.56
N3B GNP F . -34.86 -50.06 -17.01
PB GNP F . -35.02 -48.95 -18.16
O1B GNP F . -33.75 -48.29 -18.45
O2B GNP F . -35.71 -49.58 -19.32
O3A GNP F . -35.92 -47.83 -17.61
PA GNP F . -37.42 -47.58 -17.84
O1A GNP F . -37.63 -47.04 -19.20
O2A GNP F . -38.26 -48.74 -17.45
O5' GNP F . -37.76 -46.41 -16.85
C5' GNP F . -37.40 -46.49 -15.48
C4' GNP F . -38.10 -45.40 -14.69
O4' GNP F . -37.65 -44.10 -15.14
C3' GNP F . -39.62 -45.39 -14.81
O3' GNP F . -40.15 -45.02 -13.55
C2' GNP F . -39.85 -44.32 -15.89
O2' GNP F . -41.12 -43.71 -15.85
C1' GNP F . -38.75 -43.32 -15.54
N9 GNP F . -38.37 -42.47 -16.66
C8 GNP F . -37.89 -42.86 -17.89
N7 GNP F . -37.64 -41.86 -18.69
C5 GNP F . -37.97 -40.73 -17.94
C6 GNP F . -37.91 -39.35 -18.26
O6 GNP F . -37.53 -38.83 -19.32
N1 GNP F . -38.33 -38.53 -17.21
C2 GNP F . -38.76 -39.00 -15.98
N2 GNP F . -39.13 -38.07 -15.09
N3 GNP F . -38.82 -40.29 -15.66
C4 GNP F . -38.42 -41.09 -16.69
MG MG G . -23.28 -4.83 26.68
PG GNP H . -21.62 -5.09 29.32
O1G GNP H . -21.78 -5.71 30.69
O2G GNP H . -22.58 -5.59 28.26
O3G GNP H . -20.17 -5.32 29.01
N3B GNP H . -21.81 -3.51 29.47
PB GNP H . -21.99 -2.41 28.32
O1B GNP H . -20.71 -1.74 28.03
O2B GNP H . -22.71 -3.02 27.18
O3A GNP H . -22.88 -1.31 28.93
PA GNP H . -24.36 -1.02 28.68
O1A GNP H . -24.54 -0.47 27.32
O2A GNP H . -25.21 -2.17 29.06
O5' GNP H . -24.70 0.15 29.67
C5' GNP H . -24.32 0.06 31.04
C4' GNP H . -25.04 1.10 31.87
O4' GNP H . -24.60 2.43 31.45
C3' GNP H . -26.56 1.09 31.76
O3' GNP H . -27.13 1.43 33.01
C2' GNP H . -26.81 2.18 30.71
O2' GNP H . -28.08 2.81 30.83
C1' GNP H . -25.73 3.18 31.06
N9 GNP H . -25.36 4.06 29.94
C8 GNP H . -24.92 3.69 28.70
N7 GNP H . -24.68 4.71 27.92
C5 GNP H . -25.00 5.82 28.69
C6 GNP H . -24.95 7.20 28.40
O6 GNP H . -24.61 7.75 27.34
N1 GNP H . -25.37 8.00 29.47
C2 GNP H . -25.77 7.50 30.69
N2 GNP H . -26.14 8.40 31.62
N3 GNP H . -25.82 6.21 30.98
C4 GNP H . -25.42 5.43 29.95
MG MG I . 49.02 1.66 -27.63
MG MG J . 45.57 -3.17 -33.19
PG GNP K . 47.12 0.44 -29.79
O1G GNP K . 47.35 -0.69 -30.78
O2G GNP K . 48.02 0.39 -28.59
O3G GNP K . 45.64 0.32 -29.49
N3B GNP K . 47.35 1.82 -30.57
PB GNP K . 47.53 3.29 -29.95
O1B GNP K . 46.22 3.98 -29.89
O2B GNP K . 48.28 3.18 -28.69
O3A GNP K . 48.32 4.13 -30.99
PA GNP K . 49.78 4.61 -30.97
O1A GNP K . 49.96 5.64 -29.92
O2A GNP K . 50.74 3.47 -30.98
O5' GNP K . 49.97 5.39 -32.33
C5' GNP K . 49.52 4.85 -33.57
C4' GNP K . 50.14 5.59 -34.75
O4' GNP K . 49.62 6.94 -34.80
C3' GNP K . 51.66 5.72 -34.69
O3' GNP K . 52.17 5.58 -36.02
C2' GNP K . 51.87 7.12 -34.14
O2' GNP K . 53.10 7.70 -34.52
C1' GNP K . 50.69 7.86 -34.76
N9 GNP K . 50.25 9.04 -34.03
C8 GNP K . 49.91 9.11 -32.71
N7 GNP K . 49.56 10.32 -32.34
C5 GNP K . 49.68 11.08 -33.49
C6 GNP K . 49.45 12.46 -33.71
O6 GNP K . 49.06 13.30 -32.89
N1 GNP K . 49.69 12.84 -35.03
C2 GNP K . 50.12 11.97 -36.02
N2 GNP K . 50.31 12.50 -37.25
N3 GNP K . 50.34 10.68 -35.83
C4 GNP K . 50.11 10.30 -34.55
MG MG L . 8.51 22.27 26.30
MG MG M . -5.86 35.50 44.29
MG MG N . 5.42 17.12 20.74
MG MG O . -5.88 26.07 45.78
PG GNP P . 6.69 20.96 24.06
O1G GNP P . 6.93 19.82 23.11
O2G GNP P . 7.54 20.93 25.30
O3G GNP P . 5.20 20.90 24.29
N3B GNP P . 6.99 22.33 23.27
PB GNP P . 7.14 23.82 23.83
O1B GNP P . 5.84 24.53 23.81
O2B GNP P . 7.83 23.72 25.13
O3A GNP P . 7.98 24.63 22.83
PA GNP P . 9.46 25.07 22.83
O1A GNP P . 9.65 26.13 23.86
O2A GNP P . 10.37 23.91 22.86
O5' GNP P . 9.68 25.81 21.46
C5' GNP P . 9.28 25.17 20.23
C4' GNP P . 9.87 25.89 19.03
O4' GNP P . 9.35 27.25 18.94
C3' GNP P . 11.39 26.03 19.04
O3' GNP P . 11.89 25.89 17.71
C2' GNP P . 11.59 27.43 19.60
O2' GNP P . 12.83 28.03 19.26
C1' GNP P . 10.43 28.16 18.94
N9 GNP P . 10.04 29.39 19.63
C8 GNP P . 9.64 29.54 20.94
N7 GNP P . 9.36 30.77 21.26
C5 GNP P . 9.58 31.49 20.10
C6 GNP P . 9.45 32.88 19.82
O6 GNP P . 9.09 33.78 20.59
N1 GNP P . 9.78 33.19 18.50
C2 GNP P . 10.18 32.28 17.56
N2 GNP P . 10.46 32.75 16.34
N3 GNP P . 10.31 30.98 17.80
C4 GNP P . 10.01 30.65 19.08
#